data_7WJC
#
_entry.id   7WJC
#
_cell.length_a   151.370
_cell.length_b   151.370
_cell.length_c   177.235
_cell.angle_alpha   90.000
_cell.angle_beta   90.000
_cell.angle_gamma   120.000
#
_symmetry.space_group_name_H-M   'P 63 2 2'
#
loop_
_entity.id
_entity.type
_entity.pdbx_description
1 polymer Alpha-xylosidase
2 branched alpha-D-glucopyranose-(1-3)-alpha-D-glucopyranose
3 non-polymer 1,2-ETHANEDIOL
4 water water
#
_entity_poly.entity_id   1
_entity_poly.type   'polypeptide(L)'
_entity_poly.pdbx_seq_one_letter_code
;MGSSHHHHHHSSGLVPRGSHMVSELESKYMNNNIIKFDKARFTVLTEHLIRIEYSETGEFEERMTQMVQNREFSEVNFDI
IEKEETIEIITSTVHLYYNGGEFTNASLFADVKFNFSVYSNRWYFGEKSDGNLKGTTRTLDMIDGECPLEDGIMSKNGFA
VLADKGKVLTEVGDIAGNSVSTIDLYLFAYGRDYRQALKDFYQLTGNTPKLPRFALGNWWSRYYDYSDKSYLALMDKFTD
KKVPLSVSVIDMDWHKVSEVPSRFGSGWTGYSWNKKLFPNPENFIDELHQRKLKVTLNDHPADGIRAFEDPYPQVAQTLD
LNTELEEAAKFDFDNLKFRKAYFEEVHGPLEKEGVDFWWIDWQQGAISKSGVDPLWLLNHYQYQNAQKKHKNNIILSRYA
GPGSHRYPLGFSGASVISWASLDFQPYFTSTASNIGYTWWSHDIGGHMQGYKDAELSLRWLQFGVFSPINRLHSSKSEFT
SKEPWHFDAVIEQSMIDFLQLRHQLIPYLYSANLITASEGRALVEPLYYEYPMEEEAYQHRNQYLFGEQLMVAPITEKMN
SLLQMGSVEVWFPEGTWYDFFSGQPYDGKVSLKVYREITEMPVFAKAGAIIPLDKNPLKKEEIPSEIIWKIFPGADGEYL
LLEEDNETKAEFVNGIFTVTSKKESSRKHTIIYGEHEIVSAKRGEFSIDLNGKEENFDWNFSTALFRRLDIAEISYEQKD
EILQQLSLIEEHEKQVAFIKTNENQELQNSLFELLYSGK
;
_entity_poly.pdbx_strand_id   A
#
loop_
_chem_comp.id
_chem_comp.type
_chem_comp.name
_chem_comp.formula
EDO non-polymer 1,2-ETHANEDIOL 'C2 H6 O2'
GLC D-saccharide, alpha linking alpha-D-glucopyranose 'C6 H12 O6'
#
# COMPACT_ATOMS: atom_id res chain seq x y z
N ASN A 31 -36.93 6.07 2.72
CA ASN A 31 -37.74 4.88 3.16
C ASN A 31 -38.42 4.18 1.96
N ASN A 32 -38.39 4.73 0.73
CA ASN A 32 -38.76 3.97 -0.51
C ASN A 32 -37.72 2.86 -0.74
N ASN A 33 -36.47 3.11 -0.37
CA ASN A 33 -35.35 2.17 -0.59
C ASN A 33 -35.23 1.25 0.64
N ILE A 34 -36.16 1.37 1.60
CA ILE A 34 -36.21 0.50 2.80
C ILE A 34 -37.45 -0.39 2.71
N ILE A 35 -37.30 -1.70 2.99
CA ILE A 35 -38.42 -2.69 2.94
C ILE A 35 -38.33 -3.55 4.20
N LYS A 36 -39.43 -3.67 4.95
CA LYS A 36 -39.50 -4.60 6.09
C LYS A 36 -40.33 -5.81 5.66
N PHE A 37 -39.95 -6.98 6.12
CA PHE A 37 -40.73 -8.21 5.84
C PHE A 37 -40.41 -9.17 6.98
N ASP A 38 -41.44 -9.71 7.64
CA ASP A 38 -41.27 -10.59 8.83
C ASP A 38 -40.32 -9.85 9.79
N LYS A 39 -39.25 -10.50 10.27
CA LYS A 39 -38.36 -9.83 11.26
C LYS A 39 -37.12 -9.24 10.55
N ALA A 40 -37.20 -8.98 9.25
CA ALA A 40 -36.06 -8.54 8.42
C ALA A 40 -36.27 -7.11 7.91
N ARG A 41 -35.17 -6.43 7.63
CA ARG A 41 -35.16 -5.13 6.93
C ARG A 41 -34.10 -5.19 5.83
N PHE A 42 -34.48 -4.69 4.66
CA PHE A 42 -33.68 -4.60 3.42
C PHE A 42 -33.61 -3.14 3.03
N THR A 43 -32.41 -2.64 2.81
CA THR A 43 -32.14 -1.27 2.34
C THR A 43 -31.39 -1.36 1.01
N VAL A 44 -32.02 -0.90 -0.05
CA VAL A 44 -31.39 -0.92 -1.39
C VAL A 44 -30.55 0.36 -1.47
N LEU A 45 -29.26 0.25 -1.16
CA LEU A 45 -28.37 1.44 -1.09
C LEU A 45 -27.95 1.87 -2.49
N THR A 46 -27.53 0.91 -3.33
CA THR A 46 -27.31 1.10 -4.78
C THR A 46 -27.99 -0.05 -5.48
N GLU A 47 -28.01 -0.04 -6.80
CA GLU A 47 -28.55 -1.15 -7.63
C GLU A 47 -27.79 -2.44 -7.29
N HIS A 48 -26.61 -2.30 -6.69
CA HIS A 48 -25.65 -3.42 -6.53
C HIS A 48 -25.25 -3.60 -5.06
N LEU A 49 -25.94 -2.93 -4.13
CA LEU A 49 -25.58 -3.00 -2.70
C LEU A 49 -26.84 -2.98 -1.84
N ILE A 50 -27.07 -4.05 -1.11
CA ILE A 50 -28.28 -4.21 -0.27
C ILE A 50 -27.86 -4.55 1.17
N ARG A 51 -28.28 -3.72 2.12
CA ARG A 51 -28.18 -4.01 3.55
C ARG A 51 -29.30 -4.97 3.93
N ILE A 52 -28.94 -5.98 4.71
CA ILE A 52 -29.86 -7.05 5.13
C ILE A 52 -29.77 -7.14 6.64
N GLU A 53 -30.88 -6.91 7.33
CA GLU A 53 -30.90 -6.95 8.81
C GLU A 53 -31.96 -7.92 9.32
N TYR A 54 -31.68 -8.50 10.48
CA TYR A 54 -32.63 -9.23 11.31
C TYR A 54 -32.69 -8.56 12.69
N SER A 55 -33.90 -8.45 13.24
CA SER A 55 -34.16 -7.94 14.62
C SER A 55 -35.28 -8.78 15.24
N GLU A 56 -35.01 -9.38 16.39
CA GLU A 56 -36.02 -10.10 17.22
C GLU A 56 -37.00 -9.07 17.80
N THR A 57 -36.51 -7.88 18.12
CA THR A 57 -37.26 -6.85 18.87
C THR A 57 -38.05 -5.94 17.92
N GLY A 58 -37.94 -6.12 16.60
CA GLY A 58 -38.56 -5.21 15.61
C GLY A 58 -37.94 -3.82 15.58
N GLU A 59 -36.89 -3.59 16.37
CA GLU A 59 -36.07 -2.36 16.27
C GLU A 59 -34.83 -2.68 15.40
N PHE A 60 -34.53 -1.81 14.43
CA PHE A 60 -33.38 -1.92 13.51
C PHE A 60 -32.40 -0.76 13.77
N GLU A 61 -31.13 -1.02 13.46
CA GLU A 61 -30.00 -0.17 13.90
C GLU A 61 -29.77 0.95 12.88
N GLU A 62 -29.88 2.20 13.32
CA GLU A 62 -29.55 3.40 12.51
C GLU A 62 -28.17 3.95 12.85
N ARG A 63 -27.62 3.61 14.02
CA ARG A 63 -26.30 4.15 14.45
C ARG A 63 -25.21 3.61 13.50
N MET A 64 -24.15 4.39 13.34
CA MET A 64 -22.85 3.97 12.75
C MET A 64 -22.31 2.78 13.56
N THR A 65 -21.43 1.98 12.94
CA THR A 65 -20.74 0.83 13.60
C THR A 65 -19.24 1.07 13.44
N GLN A 66 -18.41 0.19 14.00
CA GLN A 66 -16.94 0.27 13.80
C GLN A 66 -16.67 0.27 12.29
N MET A 67 -17.42 -0.51 11.53
CA MET A 67 -17.20 -0.61 10.07
C MET A 67 -17.90 0.53 9.30
N VAL A 68 -19.18 0.76 9.58
CA VAL A 68 -20.07 1.57 8.69
C VAL A 68 -20.20 2.99 9.24
N GLN A 69 -19.93 4.00 8.42
CA GLN A 69 -19.95 5.42 8.83
C GLN A 69 -21.11 6.17 8.16
N ASN A 70 -21.72 5.63 7.13
CA ASN A 70 -22.66 6.42 6.31
C ASN A 70 -23.60 5.47 5.55
N ARG A 71 -24.92 5.63 5.74
CA ARG A 71 -25.87 4.84 4.93
C ARG A 71 -26.73 5.79 4.08
N GLU A 72 -26.32 7.05 3.90
CA GLU A 72 -26.96 8.03 2.99
C GLU A 72 -26.48 7.75 1.57
N PHE A 73 -27.35 7.20 0.75
CA PHE A 73 -27.09 6.95 -0.69
C PHE A 73 -28.27 7.51 -1.47
N SER A 74 -28.00 7.96 -2.69
CA SER A 74 -28.99 8.48 -3.67
C SER A 74 -29.99 7.37 -4.00
N GLU A 75 -31.25 7.77 -4.23
CA GLU A 75 -32.39 6.85 -4.46
C GLU A 75 -32.09 6.02 -5.70
N VAL A 76 -32.51 4.76 -5.72
CA VAL A 76 -32.36 3.92 -6.92
C VAL A 76 -33.65 3.20 -7.18
N ASN A 77 -33.80 2.80 -8.42
CA ASN A 77 -34.99 2.07 -8.86
C ASN A 77 -34.71 0.57 -8.66
N PHE A 78 -35.72 -0.16 -8.24
CA PHE A 78 -35.70 -1.63 -8.17
C PHE A 78 -37.14 -2.09 -8.17
N ASP A 79 -37.35 -3.39 -8.21
CA ASP A 79 -38.71 -3.99 -8.22
C ASP A 79 -38.86 -4.94 -7.05
N ILE A 80 -40.08 -5.12 -6.57
CA ILE A 80 -40.39 -6.07 -5.46
C ILE A 80 -41.49 -7.01 -5.92
N ILE A 81 -41.38 -8.28 -5.60
CA ILE A 81 -42.51 -9.25 -5.62
C ILE A 81 -42.76 -9.67 -4.18
N GLU A 82 -43.82 -9.15 -3.54
CA GLU A 82 -44.16 -9.39 -2.12
C GLU A 82 -45.42 -10.24 -2.11
N LYS A 83 -45.35 -11.37 -1.42
CA LYS A 83 -46.48 -12.30 -1.25
C LYS A 83 -46.74 -12.45 0.24
N GLU A 84 -47.66 -13.33 0.59
CA GLU A 84 -48.02 -13.61 2.00
C GLU A 84 -46.75 -14.04 2.74
N GLU A 85 -45.99 -14.97 2.14
CA GLU A 85 -44.95 -15.76 2.87
C GLU A 85 -43.52 -15.44 2.38
N THR A 86 -43.37 -14.70 1.29
CA THR A 86 -42.03 -14.55 0.64
C THR A 86 -41.89 -13.14 0.12
N ILE A 87 -40.65 -12.72 -0.08
CA ILE A 87 -40.39 -11.44 -0.77
C ILE A 87 -39.18 -11.65 -1.69
N GLU A 88 -39.19 -10.97 -2.82
CA GLU A 88 -38.08 -10.96 -3.81
C GLU A 88 -37.78 -9.51 -4.13
N ILE A 89 -36.52 -9.11 -3.97
CA ILE A 89 -36.04 -7.77 -4.38
C ILE A 89 -35.22 -7.93 -5.66
N ILE A 90 -35.53 -7.16 -6.70
CA ILE A 90 -34.91 -7.29 -8.04
C ILE A 90 -34.24 -5.97 -8.40
N THR A 91 -32.93 -6.01 -8.61
CA THR A 91 -32.18 -4.84 -9.11
C THR A 91 -31.65 -5.20 -10.49
N SER A 92 -30.93 -4.28 -11.09
CA SER A 92 -30.27 -4.50 -12.41
C SER A 92 -29.34 -5.73 -12.32
N THR A 93 -28.81 -6.07 -11.15
CA THR A 93 -27.75 -7.14 -11.06
C THR A 93 -28.10 -8.28 -10.12
N VAL A 94 -29.12 -8.20 -9.27
CA VAL A 94 -29.39 -9.29 -8.28
C VAL A 94 -30.89 -9.48 -8.02
N HIS A 95 -31.26 -10.74 -7.79
CA HIS A 95 -32.52 -11.18 -7.15
C HIS A 95 -32.19 -11.60 -5.72
N LEU A 96 -32.67 -10.87 -4.73
CA LEU A 96 -32.56 -11.27 -3.31
C LEU A 96 -33.89 -11.86 -2.86
N TYR A 97 -33.86 -13.06 -2.29
CA TYR A 97 -35.06 -13.78 -1.83
C TYR A 97 -35.05 -13.97 -0.32
N TYR A 98 -36.22 -13.80 0.32
CA TYR A 98 -36.38 -14.10 1.75
C TYR A 98 -37.73 -14.80 1.92
N ASN A 99 -37.70 -16.02 2.45
CA ASN A 99 -38.90 -16.90 2.58
C ASN A 99 -39.46 -16.82 4.01
N GLY A 100 -38.98 -15.88 4.82
CA GLY A 100 -39.50 -15.64 6.18
C GLY A 100 -38.81 -16.50 7.21
N GLY A 101 -39.06 -16.23 8.49
CA GLY A 101 -38.42 -16.93 9.61
C GLY A 101 -36.99 -16.45 9.85
N GLU A 102 -36.28 -17.19 10.68
CA GLU A 102 -34.85 -16.93 10.97
C GLU A 102 -34.07 -17.10 9.66
N PHE A 103 -33.03 -16.29 9.53
CA PHE A 103 -32.08 -16.36 8.40
C PHE A 103 -31.37 -17.71 8.46
N THR A 104 -31.51 -18.49 7.39
CA THR A 104 -30.79 -19.75 7.16
C THR A 104 -30.35 -19.77 5.71
N ASN A 105 -29.57 -20.76 5.36
CA ASN A 105 -29.11 -20.96 3.98
C ASN A 105 -30.31 -21.26 3.09
N ALA A 106 -31.44 -21.67 3.67
CA ALA A 106 -32.67 -22.00 2.92
C ALA A 106 -33.62 -20.81 2.83
N SER A 107 -33.61 -19.92 3.82
CA SER A 107 -34.63 -18.83 3.93
C SER A 107 -34.13 -17.54 3.28
N LEU A 108 -32.82 -17.37 3.14
CA LEU A 108 -32.23 -16.08 2.67
C LEU A 108 -31.10 -16.38 1.68
N PHE A 109 -31.28 -15.96 0.43
CA PHE A 109 -30.38 -16.38 -0.67
C PHE A 109 -30.60 -15.44 -1.86
N ALA A 110 -29.68 -15.42 -2.81
CA ALA A 110 -29.70 -14.43 -3.91
C ALA A 110 -29.10 -15.06 -5.16
N ASP A 111 -29.69 -14.74 -6.33
CA ASP A 111 -29.14 -15.07 -7.66
C ASP A 111 -28.64 -13.80 -8.32
N VAL A 112 -27.40 -13.79 -8.81
CA VAL A 112 -26.92 -12.61 -9.57
C VAL A 112 -27.37 -12.74 -11.02
N LYS A 113 -27.56 -11.60 -11.67
CA LYS A 113 -27.97 -11.51 -13.09
C LYS A 113 -26.72 -11.40 -13.98
N PHE A 114 -25.82 -12.36 -13.81
CA PHE A 114 -24.56 -12.47 -14.57
C PHE A 114 -24.33 -13.93 -14.88
N ASN A 115 -23.45 -14.18 -15.85
CA ASN A 115 -23.13 -15.57 -16.26
C ASN A 115 -21.60 -15.77 -16.17
N PHE A 116 -20.94 -15.24 -15.12
CA PHE A 116 -19.47 -15.40 -14.96
C PHE A 116 -19.12 -16.84 -14.60
N SER A 117 -20.09 -17.60 -14.07
CA SER A 117 -19.90 -19.03 -13.78
C SER A 117 -21.10 -19.82 -14.28
N VAL A 118 -20.98 -21.14 -14.28
CA VAL A 118 -22.13 -21.99 -14.70
C VAL A 118 -23.07 -22.22 -13.52
N TYR A 119 -22.58 -22.40 -12.28
CA TYR A 119 -23.50 -22.62 -11.15
C TYR A 119 -22.92 -22.12 -9.83
N SER A 120 -22.19 -21.03 -9.87
CA SER A 120 -21.67 -20.33 -8.67
C SER A 120 -22.26 -18.92 -8.66
N ASN A 121 -23.51 -18.79 -9.12
CA ASN A 121 -24.16 -17.46 -9.25
C ASN A 121 -25.19 -17.27 -8.15
N ARG A 122 -25.18 -18.12 -7.12
CA ARG A 122 -26.16 -18.02 -6.02
C ARG A 122 -25.42 -17.85 -4.70
N TRP A 123 -25.81 -16.86 -3.93
CA TRP A 123 -25.43 -16.64 -2.54
C TRP A 123 -26.43 -17.31 -1.61
N TYR A 124 -25.95 -18.08 -0.64
CA TYR A 124 -26.79 -18.66 0.44
C TYR A 124 -26.28 -18.07 1.75
N PHE A 125 -27.19 -17.55 2.55
CA PHE A 125 -26.89 -17.02 3.88
C PHE A 125 -26.00 -18.03 4.62
N GLY A 126 -24.89 -17.53 5.16
CA GLY A 126 -24.01 -18.31 6.04
C GLY A 126 -23.12 -19.29 5.30
N GLU A 127 -23.12 -19.29 3.96
CA GLU A 127 -22.32 -20.26 3.16
C GLU A 127 -21.27 -19.49 2.36
N LYS A 128 -20.18 -20.14 2.04
CA LYS A 128 -19.12 -19.59 1.15
C LYS A 128 -19.40 -20.05 -0.27
N SER A 129 -19.11 -19.20 -1.25
CA SER A 129 -19.09 -19.57 -2.68
C SER A 129 -17.71 -19.32 -3.25
N ASP A 130 -17.41 -19.90 -4.41
CA ASP A 130 -16.16 -19.72 -5.15
C ASP A 130 -16.12 -18.28 -5.66
N GLY A 131 -14.93 -17.78 -5.89
CA GLY A 131 -14.76 -16.58 -6.72
C GLY A 131 -14.13 -15.43 -5.98
N ASN A 132 -14.16 -15.45 -4.63
CA ASN A 132 -13.69 -14.27 -3.89
C ASN A 132 -12.20 -14.04 -4.24
N LEU A 133 -11.84 -12.81 -4.56
CA LEU A 133 -10.46 -12.42 -4.95
C LEU A 133 -9.61 -12.04 -3.72
N LYS A 134 -10.17 -12.20 -2.52
CA LYS A 134 -9.50 -12.01 -1.21
C LYS A 134 -9.26 -10.53 -0.91
N GLY A 135 -8.78 -10.25 0.32
CA GLY A 135 -8.58 -8.90 0.84
C GLY A 135 -7.23 -8.84 1.55
N THR A 136 -7.25 -8.83 2.87
CA THR A 136 -6.00 -8.73 3.64
C THR A 136 -6.15 -9.46 4.97
N THR A 137 -5.20 -9.21 5.84
CA THR A 137 -5.17 -9.84 7.17
C THR A 137 -4.45 -8.86 8.11
N ARG A 138 -4.57 -9.11 9.40
CA ARG A 138 -4.00 -8.25 10.47
C ARG A 138 -2.52 -7.94 10.23
N THR A 139 -1.71 -8.93 9.92
CA THR A 139 -0.25 -8.78 10.03
C THR A 139 0.48 -9.88 9.26
N LEU A 140 1.75 -9.62 8.97
CA LEU A 140 2.69 -10.61 8.45
C LEU A 140 3.69 -11.01 9.55
N ASP A 141 3.40 -10.67 10.80
CA ASP A 141 4.24 -11.13 11.94
C ASP A 141 4.52 -12.65 11.83
N MET A 142 5.79 -13.03 11.82
CA MET A 142 6.24 -14.45 11.89
C MET A 142 5.90 -15.21 10.59
N ILE A 143 5.52 -14.50 9.54
CA ILE A 143 5.14 -15.16 8.26
C ILE A 143 6.35 -15.22 7.33
N ASP A 144 6.67 -16.44 6.95
CA ASP A 144 7.73 -16.74 5.95
C ASP A 144 6.99 -17.13 4.67
N GLY A 145 6.84 -16.20 3.76
CA GLY A 145 6.11 -16.45 2.50
C GLY A 145 4.64 -16.14 2.66
N GLU A 146 3.81 -17.05 2.19
CA GLU A 146 2.35 -16.85 2.08
C GLU A 146 1.70 -17.06 3.42
N CYS A 147 0.59 -16.38 3.65
CA CYS A 147 -0.39 -16.75 4.71
C CYS A 147 -1.79 -16.59 4.16
N PRO A 148 -2.80 -17.21 4.80
CA PRO A 148 -4.17 -17.03 4.37
C PRO A 148 -4.62 -15.56 4.56
N LEU A 149 -5.45 -15.12 3.63
CA LEU A 149 -6.10 -13.80 3.71
C LEU A 149 -7.60 -13.94 3.98
N GLU A 150 -8.20 -12.87 4.52
CA GLU A 150 -9.65 -12.79 4.66
C GLU A 150 -10.23 -12.49 3.28
N ASP A 151 -11.50 -12.78 3.10
CA ASP A 151 -12.23 -12.34 1.88
C ASP A 151 -12.26 -10.82 1.78
N GLY A 152 -12.38 -10.31 0.56
CA GLY A 152 -12.71 -8.90 0.30
C GLY A 152 -14.11 -8.78 -0.28
N ILE A 153 -14.41 -7.64 -0.89
CA ILE A 153 -15.75 -7.40 -1.50
C ILE A 153 -15.70 -7.72 -2.97
N MET A 154 -14.55 -8.17 -3.51
CA MET A 154 -14.41 -8.43 -4.96
C MET A 154 -14.53 -9.92 -5.24
N SER A 155 -15.31 -10.31 -6.24
CA SER A 155 -15.45 -11.72 -6.65
C SER A 155 -15.48 -11.80 -8.18
N LYS A 156 -14.78 -12.77 -8.74
CA LYS A 156 -14.84 -13.05 -10.18
C LYS A 156 -16.26 -13.43 -10.58
N ASN A 157 -17.04 -13.95 -9.64
CA ASN A 157 -18.44 -14.38 -9.94
C ASN A 157 -19.45 -13.25 -9.71
N GLY A 158 -19.00 -12.11 -9.21
CA GLY A 158 -19.76 -10.83 -9.22
C GLY A 158 -20.50 -10.51 -7.95
N PHE A 159 -20.37 -11.28 -6.86
CA PHE A 159 -21.02 -10.94 -5.59
C PHE A 159 -20.13 -11.30 -4.41
N ALA A 160 -20.36 -10.58 -3.34
CA ALA A 160 -19.67 -10.75 -2.05
C ALA A 160 -20.60 -10.29 -0.94
N VAL A 161 -20.52 -10.95 0.22
CA VAL A 161 -21.27 -10.47 1.40
C VAL A 161 -20.27 -10.03 2.47
N LEU A 162 -20.47 -8.84 2.95
CA LEU A 162 -19.66 -8.21 4.02
C LEU A 162 -20.53 -8.16 5.28
N ALA A 163 -20.29 -9.05 6.25
CA ALA A 163 -21.04 -9.10 7.52
C ALA A 163 -20.56 -7.93 8.40
N ASP A 164 -21.49 -7.21 9.02
CA ASP A 164 -21.14 -6.18 10.02
C ASP A 164 -21.31 -6.82 11.39
N LYS A 165 -20.23 -7.23 12.02
CA LYS A 165 -20.30 -7.93 13.33
C LYS A 165 -19.83 -7.00 14.45
N GLY A 166 -19.60 -5.73 14.15
CA GLY A 166 -19.04 -4.74 15.07
C GLY A 166 -20.07 -4.16 16.02
N LYS A 167 -19.55 -3.40 16.98
CA LYS A 167 -20.34 -2.60 17.94
C LYS A 167 -20.86 -1.35 17.25
N VAL A 168 -21.94 -0.79 17.76
CA VAL A 168 -22.43 0.55 17.38
C VAL A 168 -21.54 1.62 18.00
N LEU A 169 -21.45 2.76 17.33
CA LEU A 169 -20.78 3.99 17.84
C LEU A 169 -21.82 5.04 18.27
N THR A 170 -21.36 6.01 19.06
CA THR A 170 -22.09 7.27 19.34
C THR A 170 -21.79 8.26 18.22
N GLU A 171 -22.48 9.40 18.22
CA GLU A 171 -22.36 10.41 17.14
C GLU A 171 -20.92 10.94 17.09
N VAL A 172 -20.20 10.93 18.22
CA VAL A 172 -18.81 11.47 18.33
C VAL A 172 -17.79 10.33 18.15
N GLY A 173 -18.23 9.07 18.18
CA GLY A 173 -17.44 7.91 17.74
C GLY A 173 -16.93 7.05 18.89
N ASP A 174 -17.57 7.08 20.06
CA ASP A 174 -17.29 6.10 21.15
C ASP A 174 -18.14 4.85 20.92
N ILE A 175 -17.66 3.72 21.45
CA ILE A 175 -18.37 2.42 21.45
C ILE A 175 -19.64 2.55 22.31
N ALA A 176 -20.80 2.23 21.74
CA ALA A 176 -22.12 2.36 22.40
C ALA A 176 -22.61 1.00 22.88
N GLY A 177 -22.06 -0.09 22.36
CA GLY A 177 -22.44 -1.46 22.73
C GLY A 177 -22.96 -2.22 21.52
N ASN A 178 -23.87 -3.17 21.75
CA ASN A 178 -24.39 -4.12 20.75
C ASN A 178 -25.44 -3.45 19.85
N SER A 179 -25.35 -3.72 18.55
CA SER A 179 -26.37 -3.31 17.55
C SER A 179 -27.72 -3.93 17.91
N VAL A 180 -28.81 -3.23 17.64
CA VAL A 180 -30.16 -3.88 17.73
C VAL A 180 -30.45 -4.69 16.46
N SER A 181 -29.69 -4.50 15.38
CA SER A 181 -29.72 -5.43 14.22
C SER A 181 -28.79 -6.60 14.51
N THR A 182 -29.28 -7.70 15.08
CA THR A 182 -28.42 -8.79 15.59
C THR A 182 -27.80 -9.56 14.41
N ILE A 183 -28.37 -9.44 13.21
CA ILE A 183 -27.68 -9.79 11.93
C ILE A 183 -27.73 -8.54 11.06
N ASP A 184 -26.59 -8.14 10.51
CA ASP A 184 -26.47 -6.91 9.70
C ASP A 184 -25.42 -7.23 8.65
N LEU A 185 -25.85 -7.40 7.39
CA LEU A 185 -25.01 -7.85 6.23
C LEU A 185 -25.12 -6.82 5.10
N TYR A 186 -24.08 -6.73 4.28
CA TYR A 186 -24.06 -5.93 3.02
C TYR A 186 -23.82 -6.91 1.87
N LEU A 187 -24.83 -7.07 1.01
CA LEU A 187 -24.69 -7.87 -0.22
C LEU A 187 -24.20 -6.95 -1.33
N PHE A 188 -22.99 -7.21 -1.82
CA PHE A 188 -22.37 -6.54 -2.97
C PHE A 188 -22.63 -7.40 -4.20
N ALA A 189 -23.20 -6.82 -5.24
CA ALA A 189 -23.50 -7.50 -6.51
C ALA A 189 -23.08 -6.61 -7.67
N TYR A 190 -21.82 -6.20 -7.66
CA TYR A 190 -21.20 -5.28 -8.65
C TYR A 190 -20.69 -6.04 -9.90
N GLY A 191 -20.84 -7.36 -9.97
CA GLY A 191 -20.27 -8.14 -11.09
C GLY A 191 -18.75 -7.97 -11.08
N ARG A 192 -18.14 -7.50 -12.18
CA ARG A 192 -16.67 -7.25 -12.24
C ARG A 192 -16.40 -5.75 -12.35
N ASP A 193 -17.33 -4.93 -11.90
CA ASP A 193 -17.06 -3.48 -11.76
C ASP A 193 -16.41 -3.25 -10.40
N TYR A 194 -15.13 -3.64 -10.28
CA TYR A 194 -14.44 -3.68 -8.98
C TYR A 194 -14.23 -2.25 -8.50
N ARG A 195 -13.89 -1.32 -9.37
CA ARG A 195 -13.59 0.04 -8.89
C ARG A 195 -14.87 0.65 -8.30
N GLN A 196 -16.03 0.45 -8.92
CA GLN A 196 -17.28 1.04 -8.39
C GLN A 196 -17.63 0.35 -7.07
N ALA A 197 -17.45 -0.96 -6.95
CA ALA A 197 -17.66 -1.67 -5.67
C ALA A 197 -16.82 -0.98 -4.61
N LEU A 198 -15.55 -0.70 -4.89
CA LEU A 198 -14.65 -0.09 -3.87
C LEU A 198 -15.10 1.34 -3.56
N LYS A 199 -15.46 2.10 -4.59
CA LYS A 199 -15.93 3.49 -4.35
C LYS A 199 -17.13 3.47 -3.39
N ASP A 200 -18.07 2.57 -3.62
CA ASP A 200 -19.33 2.54 -2.83
C ASP A 200 -19.02 1.98 -1.45
N PHE A 201 -18.03 1.10 -1.33
CA PHE A 201 -17.54 0.60 -0.01
C PHE A 201 -17.02 1.81 0.76
N TYR A 202 -16.28 2.74 0.12
CA TYR A 202 -15.74 3.94 0.78
C TYR A 202 -16.90 4.89 1.14
N GLN A 203 -17.93 4.94 0.31
CA GLN A 203 -19.13 5.75 0.70
C GLN A 203 -19.77 5.17 1.96
N LEU A 204 -19.85 3.84 2.09
CA LEU A 204 -20.48 3.16 3.25
C LEU A 204 -19.55 3.28 4.48
N THR A 205 -18.24 3.05 4.32
CA THR A 205 -17.35 2.90 5.49
C THR A 205 -16.55 4.19 5.72
N GLY A 206 -16.68 5.18 4.84
CA GLY A 206 -15.91 6.43 4.94
C GLY A 206 -14.73 6.38 4.02
N ASN A 207 -14.39 7.50 3.40
CA ASN A 207 -13.21 7.52 2.52
C ASN A 207 -11.93 7.39 3.35
N THR A 208 -10.86 6.93 2.71
CA THR A 208 -9.52 7.07 3.29
C THR A 208 -9.22 8.56 3.49
N PRO A 209 -8.67 8.99 4.62
CA PRO A 209 -8.21 10.37 4.74
C PRO A 209 -7.00 10.66 3.85
N LYS A 210 -6.73 11.94 3.58
CA LYS A 210 -5.50 12.36 2.87
C LYS A 210 -4.32 12.03 3.78
N LEU A 211 -3.26 11.47 3.21
CA LEU A 211 -1.96 11.43 3.89
C LEU A 211 -1.29 12.80 3.76
N PRO A 212 -0.37 13.10 4.69
CA PRO A 212 0.55 14.22 4.51
C PRO A 212 1.68 13.81 3.54
N ARG A 213 2.25 14.78 2.85
CA ARG A 213 3.32 14.52 1.85
C ARG A 213 4.49 13.78 2.54
N PHE A 214 4.85 14.09 3.78
CA PHE A 214 6.08 13.50 4.39
C PHE A 214 5.96 11.95 4.43
N ALA A 215 4.75 11.42 4.51
CA ALA A 215 4.54 9.96 4.67
C ALA A 215 5.04 9.20 3.43
N LEU A 216 5.18 9.88 2.30
CA LEU A 216 5.44 9.26 0.99
C LEU A 216 6.94 9.19 0.68
N GLY A 217 7.79 9.78 1.51
CA GLY A 217 9.24 9.72 1.32
C GLY A 217 9.81 8.48 1.97
N ASN A 218 11.13 8.37 1.99
CA ASN A 218 11.82 7.22 2.63
C ASN A 218 11.74 7.38 4.14
N TRP A 219 11.48 6.27 4.83
CA TRP A 219 11.59 6.22 6.31
C TRP A 219 12.82 5.40 6.68
N TRP A 220 13.55 5.84 7.71
CA TRP A 220 14.62 5.04 8.32
C TRP A 220 14.09 4.46 9.61
N SER A 221 14.29 3.15 9.82
CA SER A 221 13.94 2.48 11.08
C SER A 221 14.90 1.32 11.32
N ARG A 222 15.23 1.07 12.57
CA ARG A 222 16.02 -0.13 12.91
C ARG A 222 15.83 -0.39 14.41
N TYR A 223 15.54 -1.64 14.76
CA TYR A 223 15.48 -2.11 16.16
C TYR A 223 16.93 -2.22 16.66
N TYR A 224 17.44 -1.10 17.15
CA TYR A 224 18.86 -0.88 17.48
C TYR A 224 18.96 0.25 18.51
N ASP A 225 19.86 0.08 19.48
CA ASP A 225 19.95 0.95 20.67
C ASP A 225 20.83 2.16 20.33
N TYR A 226 20.40 2.95 19.35
CA TYR A 226 21.11 4.21 19.02
C TYR A 226 21.16 5.13 20.25
N SER A 227 22.20 5.99 20.27
CA SER A 227 22.22 7.19 21.14
C SER A 227 21.67 8.35 20.31
N ASP A 228 21.36 9.48 20.96
CA ASP A 228 21.07 10.74 20.21
C ASP A 228 22.20 10.98 19.22
N LYS A 229 23.44 10.82 19.67
CA LYS A 229 24.64 11.13 18.86
C LYS A 229 24.71 10.20 17.65
N SER A 230 24.56 8.89 17.87
CA SER A 230 24.78 7.92 16.78
C SER A 230 23.60 8.00 15.80
N TYR A 231 22.39 8.28 16.27
CA TYR A 231 21.22 8.49 15.37
C TYR A 231 21.49 9.69 14.48
N LEU A 232 21.89 10.85 15.06
CA LEU A 232 22.11 12.05 14.22
C LEU A 232 23.27 11.82 13.25
N ALA A 233 24.33 11.13 13.67
CA ALA A 233 25.47 10.78 12.83
C ALA A 233 24.96 9.94 11.63
N LEU A 234 24.05 9.01 11.89
CA LEU A 234 23.48 8.19 10.80
C LEU A 234 22.65 9.06 9.87
N MET A 235 21.80 9.96 10.40
CA MET A 235 21.00 10.86 9.52
C MET A 235 21.97 11.71 8.66
N ASP A 236 23.07 12.17 9.22
CA ASP A 236 24.01 13.04 8.47
C ASP A 236 24.76 12.17 7.44
N LYS A 237 24.98 10.89 7.74
CA LYS A 237 25.61 9.97 6.76
C LYS A 237 24.66 9.78 5.57
N PHE A 238 23.34 9.64 5.80
CA PHE A 238 22.33 9.57 4.72
C PHE A 238 22.53 10.79 3.83
N THR A 239 22.62 11.97 4.43
CA THR A 239 22.79 13.23 3.65
C THR A 239 24.08 13.13 2.82
N ASP A 240 25.21 12.77 3.44
CA ASP A 240 26.53 12.68 2.76
C ASP A 240 26.43 11.69 1.60
N LYS A 241 25.64 10.62 1.78
CA LYS A 241 25.50 9.52 0.80
C LYS A 241 24.44 9.82 -0.27
N LYS A 242 23.80 10.99 -0.23
CA LYS A 242 22.80 11.41 -1.25
C LYS A 242 21.54 10.53 -1.16
N VAL A 243 21.18 10.09 0.03
CA VAL A 243 19.92 9.35 0.25
C VAL A 243 18.96 10.27 0.99
N PRO A 244 17.84 10.65 0.36
CA PRO A 244 16.83 11.48 1.01
C PRO A 244 15.95 10.65 1.96
N LEU A 245 15.59 11.24 3.08
CA LEU A 245 14.64 10.67 4.07
C LEU A 245 13.59 11.70 4.40
N SER A 246 12.39 11.24 4.70
CA SER A 246 11.25 12.08 5.22
C SER A 246 11.01 11.77 6.68
N VAL A 247 11.27 10.53 7.14
CA VAL A 247 10.84 10.10 8.49
C VAL A 247 12.00 9.40 9.21
N SER A 248 12.20 9.78 10.46
CA SER A 248 13.12 9.15 11.42
C SER A 248 12.26 8.41 12.43
N VAL A 249 12.28 7.09 12.35
CA VAL A 249 11.66 6.23 13.35
C VAL A 249 12.70 5.94 14.43
N ILE A 250 12.28 6.03 15.68
CA ILE A 250 13.05 5.56 16.86
C ILE A 250 12.31 4.38 17.47
N ASP A 251 12.92 3.20 17.38
CA ASP A 251 12.34 1.97 17.94
C ASP A 251 12.54 1.90 19.46
N MET A 252 12.01 0.85 20.05
CA MET A 252 11.72 0.69 21.50
C MET A 252 12.93 0.97 22.41
N ASP A 253 14.16 0.89 21.94
CA ASP A 253 15.36 1.19 22.79
C ASP A 253 15.43 2.70 23.10
N TRP A 254 14.50 3.50 22.60
CA TRP A 254 14.32 4.91 23.04
C TRP A 254 14.01 4.93 24.54
N HIS A 255 13.25 3.95 25.03
CA HIS A 255 12.78 3.90 26.43
C HIS A 255 13.62 2.92 27.23
N LYS A 256 13.45 2.96 28.54
CA LYS A 256 14.09 1.96 29.43
C LYS A 256 13.73 0.55 28.93
N VAL A 257 14.72 -0.31 28.85
CA VAL A 257 14.47 -1.76 28.57
C VAL A 257 15.14 -2.59 29.66
N SER A 258 16.46 -2.80 29.58
CA SER A 258 17.18 -3.66 30.57
C SER A 258 17.11 -3.01 31.97
N GLU A 259 16.89 -1.71 32.03
CA GLU A 259 16.86 -0.91 33.29
C GLU A 259 15.55 -1.11 34.06
N VAL A 260 14.57 -1.80 33.48
CA VAL A 260 13.29 -2.07 34.18
C VAL A 260 13.51 -3.20 35.17
N PRO A 261 13.24 -2.98 36.48
CA PRO A 261 13.29 -4.07 37.45
C PRO A 261 12.35 -5.22 37.04
N SER A 262 12.84 -6.43 37.14
CA SER A 262 12.12 -7.65 36.70
C SER A 262 10.80 -7.84 37.47
N ARG A 263 10.63 -7.30 38.69
CA ARG A 263 9.37 -7.34 39.48
CA ARG A 263 9.35 -7.42 39.43
C ARG A 263 8.21 -6.69 38.70
N PHE A 264 8.51 -5.79 37.76
CA PHE A 264 7.50 -5.07 36.96
C PHE A 264 7.15 -5.82 35.65
N GLY A 265 7.84 -6.93 35.39
CA GLY A 265 7.73 -7.67 34.11
C GLY A 265 8.81 -7.21 33.19
N SER A 266 8.57 -7.20 31.86
CA SER A 266 9.61 -6.88 30.85
C SER A 266 9.72 -5.37 30.58
N GLY A 267 10.70 -5.00 29.80
CA GLY A 267 10.93 -3.64 29.28
C GLY A 267 10.29 -3.40 27.93
N TRP A 268 9.40 -4.29 27.49
CA TRP A 268 8.84 -4.21 26.12
C TRP A 268 8.01 -2.93 25.95
N THR A 269 7.06 -2.73 26.86
CA THR A 269 6.31 -1.47 27.04
C THR A 269 7.21 -0.47 27.74
N GLY A 270 7.23 0.75 27.24
CA GLY A 270 7.96 1.83 27.96
C GLY A 270 7.51 3.18 27.52
N TYR A 271 7.53 4.14 28.46
CA TYR A 271 7.14 5.54 28.19
C TYR A 271 8.18 6.52 28.75
N SER A 272 9.33 6.01 29.21
CA SER A 272 10.41 6.76 29.89
C SER A 272 11.68 6.67 29.04
N TRP A 273 12.21 7.81 28.57
CA TRP A 273 13.49 7.86 27.83
C TRP A 273 14.60 7.18 28.62
N ASN A 274 15.42 6.42 27.92
CA ASN A 274 16.71 5.93 28.45
C ASN A 274 17.64 7.15 28.45
N LYS A 275 17.95 7.69 29.63
CA LYS A 275 18.69 8.98 29.73
C LYS A 275 20.16 8.83 29.30
N LYS A 276 20.72 7.62 29.34
CA LYS A 276 22.10 7.41 28.85
C LYS A 276 22.14 7.66 27.34
N LEU A 277 21.17 7.14 26.60
CA LEU A 277 21.12 7.26 25.13
C LEU A 277 20.55 8.62 24.70
N PHE A 278 19.55 9.13 25.40
CA PHE A 278 18.86 10.40 25.07
C PHE A 278 18.82 11.29 26.32
N PRO A 279 19.97 11.90 26.69
CA PRO A 279 20.03 12.80 27.86
C PRO A 279 19.16 14.07 27.73
N ASN A 280 18.88 14.52 26.50
CA ASN A 280 18.04 15.71 26.22
C ASN A 280 17.16 15.40 25.01
N PRO A 281 16.03 14.72 25.23
CA PRO A 281 15.17 14.29 24.11
C PRO A 281 14.69 15.45 23.23
N GLU A 282 14.29 16.57 23.84
CA GLU A 282 13.67 17.66 23.03
C GLU A 282 14.74 18.23 22.11
N ASN A 283 15.95 18.37 22.63
CA ASN A 283 17.10 18.85 21.81
C ASN A 283 17.35 17.88 20.64
N PHE A 284 17.36 16.58 20.91
CA PHE A 284 17.57 15.54 19.87
C PHE A 284 16.46 15.65 18.81
N ILE A 285 15.20 15.73 19.24
CA ILE A 285 14.06 15.83 18.29
C ILE A 285 14.18 17.18 17.55
N ASP A 286 14.61 18.25 18.23
CA ASP A 286 14.82 19.54 17.51
C ASP A 286 15.85 19.34 16.41
N GLU A 287 16.93 18.60 16.64
CA GLU A 287 17.95 18.32 15.62
C GLU A 287 17.35 17.56 14.42
N LEU A 288 16.50 16.57 14.69
CA LEU A 288 15.83 15.85 13.57
C LEU A 288 14.91 16.84 12.83
N HIS A 289 14.17 17.69 13.55
CA HIS A 289 13.27 18.67 12.91
C HIS A 289 14.07 19.65 12.06
N GLN A 290 15.26 20.08 12.50
CA GLN A 290 16.13 21.02 11.73
C GLN A 290 16.57 20.34 10.43
N ARG A 291 16.69 19.01 10.44
CA ARG A 291 17.04 18.21 9.22
C ARG A 291 15.76 17.90 8.41
N LYS A 292 14.61 18.49 8.77
CA LYS A 292 13.33 18.34 8.04
C LYS A 292 12.89 16.86 8.06
N LEU A 293 13.03 16.22 9.21
CA LEU A 293 12.52 14.84 9.48
C LEU A 293 11.34 14.93 10.43
N LYS A 294 10.33 14.12 10.15
CA LYS A 294 9.23 13.80 11.08
C LYS A 294 9.69 12.61 11.93
N VAL A 295 9.27 12.61 13.17
CA VAL A 295 9.80 11.70 14.21
C VAL A 295 8.66 10.89 14.78
N THR A 296 8.81 9.57 14.85
CA THR A 296 7.82 8.71 15.51
C THR A 296 8.57 7.78 16.45
N LEU A 297 7.93 7.42 17.56
CA LEU A 297 8.49 6.45 18.52
C LEU A 297 7.65 5.19 18.47
N ASN A 298 8.31 4.06 18.67
CA ASN A 298 7.63 2.77 18.91
C ASN A 298 6.88 2.81 20.24
N ASP A 299 5.62 2.39 20.20
CA ASP A 299 4.82 2.20 21.42
C ASP A 299 4.25 0.79 21.45
N HIS A 300 4.72 0.04 22.41
CA HIS A 300 4.18 -1.27 22.82
C HIS A 300 3.23 -1.03 23.99
N PRO A 301 1.91 -0.87 23.73
CA PRO A 301 1.02 -0.40 24.81
C PRO A 301 0.63 -1.41 25.87
N ALA A 302 0.88 -2.72 25.68
CA ALA A 302 0.08 -3.77 26.35
C ALA A 302 0.32 -3.87 27.86
N ASP A 303 1.49 -3.43 28.36
CA ASP A 303 1.77 -3.47 29.82
C ASP A 303 1.44 -2.13 30.49
N GLY A 304 0.76 -1.22 29.77
CA GLY A 304 0.21 0.01 30.37
C GLY A 304 1.29 0.84 31.04
N ILE A 305 0.93 1.50 32.15
CA ILE A 305 1.86 2.46 32.81
C ILE A 305 2.12 1.94 34.21
N ARG A 306 3.32 1.39 34.40
CA ARG A 306 3.70 0.73 35.64
C ARG A 306 4.46 1.74 36.52
N ALA A 307 4.67 1.36 37.76
CA ALA A 307 5.07 2.33 38.83
C ALA A 307 6.47 2.91 38.60
N PHE A 308 7.36 2.27 37.83
CA PHE A 308 8.73 2.82 37.54
C PHE A 308 8.66 3.93 36.49
N GLU A 309 7.54 4.13 35.77
CA GLU A 309 7.55 5.03 34.59
C GLU A 309 7.58 6.50 35.04
N ASP A 310 8.24 7.32 34.25
CA ASP A 310 8.28 8.80 34.44
C ASP A 310 6.86 9.39 34.54
N PRO A 311 5.89 9.09 33.65
CA PRO A 311 4.52 9.60 33.84
C PRO A 311 3.67 8.92 34.93
N TYR A 312 4.17 7.92 35.63
CA TYR A 312 3.30 7.14 36.53
C TYR A 312 2.69 8.05 37.60
N PRO A 313 3.45 8.93 38.28
CA PRO A 313 2.87 9.72 39.38
C PRO A 313 1.62 10.52 38.90
N GLN A 314 1.66 11.13 37.71
CA GLN A 314 0.53 11.90 37.15
C GLN A 314 -0.62 10.94 36.82
N VAL A 315 -0.35 9.83 36.11
CA VAL A 315 -1.41 8.85 35.77
C VAL A 315 -2.03 8.29 37.05
N ALA A 316 -1.24 8.03 38.09
CA ALA A 316 -1.70 7.44 39.35
C ALA A 316 -2.72 8.38 40.02
N GLN A 317 -2.41 9.67 40.00
CA GLN A 317 -3.26 10.75 40.55
C GLN A 317 -4.58 10.76 39.73
N THR A 318 -4.50 10.87 38.41
CA THR A 318 -5.69 10.92 37.52
C THR A 318 -6.58 9.68 37.69
N LEU A 319 -6.01 8.48 37.84
CA LEU A 319 -6.80 7.22 37.84
C LEU A 319 -6.96 6.67 39.26
N ASP A 320 -6.56 7.45 40.27
CA ASP A 320 -6.76 7.06 41.70
C ASP A 320 -6.15 5.68 41.97
N LEU A 321 -4.88 5.52 41.58
CA LEU A 321 -4.16 4.26 41.82
C LEU A 321 -3.53 4.29 43.20
N ASN A 322 -3.37 3.11 43.76
CA ASN A 322 -2.70 2.84 45.04
C ASN A 322 -1.19 2.81 44.80
N THR A 323 -0.53 3.96 44.93
CA THR A 323 0.91 4.12 44.64
C THR A 323 1.73 3.31 45.65
N GLU A 324 1.29 3.14 46.92
CA GLU A 324 2.18 2.44 47.89
C GLU A 324 2.15 0.95 47.57
N LEU A 325 1.09 0.45 46.89
CA LEU A 325 1.11 -0.95 46.41
C LEU A 325 1.53 -1.00 44.94
N GLU A 326 2.00 0.11 44.39
CA GLU A 326 2.58 0.24 43.02
C GLU A 326 1.57 -0.30 42.01
N GLU A 327 0.30 0.02 42.21
CA GLU A 327 -0.79 -0.46 41.32
C GLU A 327 -0.54 0.09 39.91
N ALA A 328 -0.48 -0.80 38.92
CA ALA A 328 -0.24 -0.39 37.53
C ALA A 328 -1.53 0.16 36.95
N ALA A 329 -1.41 1.14 36.07
CA ALA A 329 -2.47 1.58 35.15
C ALA A 329 -2.44 0.59 33.97
N LYS A 330 -3.20 -0.48 34.10
CA LYS A 330 -3.16 -1.57 33.08
C LYS A 330 -3.80 -1.03 31.81
N PHE A 331 -3.34 -1.51 30.68
CA PHE A 331 -3.87 -1.09 29.38
C PHE A 331 -5.37 -1.40 29.32
N ASP A 332 -6.17 -0.38 29.02
CA ASP A 332 -7.63 -0.54 29.02
C ASP A 332 -8.23 0.51 28.10
N PHE A 333 -8.24 0.25 26.79
CA PHE A 333 -8.72 1.26 25.83
C PHE A 333 -10.25 1.29 25.79
N ASP A 334 -10.93 0.39 26.49
CA ASP A 334 -12.41 0.47 26.67
C ASP A 334 -12.73 1.61 27.63
N ASN A 335 -11.75 2.06 28.42
CA ASN A 335 -11.95 3.00 29.55
C ASN A 335 -11.64 4.43 29.10
N LEU A 336 -12.63 5.33 29.17
CA LEU A 336 -12.44 6.74 28.75
C LEU A 336 -11.32 7.37 29.59
N LYS A 337 -11.29 7.14 30.90
CA LYS A 337 -10.28 7.84 31.76
C LYS A 337 -8.88 7.33 31.42
N PHE A 338 -8.75 6.02 31.17
CA PHE A 338 -7.45 5.44 30.74
C PHE A 338 -7.03 6.10 29.43
N ARG A 339 -7.93 6.18 28.44
CA ARG A 339 -7.56 6.75 27.13
C ARG A 339 -7.10 8.19 27.32
N LYS A 340 -7.86 8.99 28.07
CA LYS A 340 -7.48 10.40 28.27
C LYS A 340 -6.12 10.46 28.96
N ALA A 341 -5.84 9.63 29.96
CA ALA A 341 -4.53 9.68 30.68
C ALA A 341 -3.39 9.26 29.72
N TYR A 342 -3.63 8.21 28.93
CA TYR A 342 -2.70 7.76 27.87
C TYR A 342 -2.36 8.89 26.89
N PHE A 343 -3.37 9.56 26.30
CA PHE A 343 -3.13 10.63 25.32
C PHE A 343 -2.50 11.85 26.00
N GLU A 344 -3.08 12.29 27.10
CA GLU A 344 -2.73 13.62 27.72
C GLU A 344 -1.47 13.53 28.57
N GLU A 345 -1.34 12.48 29.38
CA GLU A 345 -0.27 12.41 30.42
C GLU A 345 0.86 11.45 30.05
N VAL A 346 0.65 10.56 29.05
CA VAL A 346 1.71 9.59 28.66
C VAL A 346 2.29 10.03 27.32
N HIS A 347 1.48 10.06 26.27
CA HIS A 347 1.88 10.58 24.95
C HIS A 347 2.15 12.09 25.02
N GLY A 348 1.34 12.83 25.77
CA GLY A 348 1.34 14.31 25.71
C GLY A 348 2.72 14.87 25.98
N PRO A 349 3.38 14.50 27.10
CA PRO A 349 4.72 15.02 27.40
C PRO A 349 5.75 14.69 26.31
N LEU A 350 5.61 13.52 25.64
CA LEU A 350 6.54 13.10 24.56
C LEU A 350 6.25 13.91 23.30
N GLU A 351 4.99 14.18 23.00
CA GLU A 351 4.65 15.09 21.88
C GLU A 351 5.24 16.49 22.14
N LYS A 352 5.18 16.97 23.39
CA LYS A 352 5.72 18.31 23.77
C LYS A 352 7.23 18.33 23.54
N GLU A 353 7.92 17.19 23.70
CA GLU A 353 9.37 17.07 23.39
C GLU A 353 9.58 17.05 21.87
N GLY A 354 8.52 16.79 21.08
CA GLY A 354 8.56 16.95 19.61
C GLY A 354 8.11 15.72 18.83
N VAL A 355 7.70 14.64 19.49
CA VAL A 355 7.20 13.44 18.74
C VAL A 355 6.02 13.87 17.85
N ASP A 356 6.10 13.57 16.56
CA ASP A 356 5.13 14.00 15.52
C ASP A 356 3.94 13.06 15.37
N PHE A 357 4.14 11.75 15.53
CA PHE A 357 3.05 10.77 15.33
C PHE A 357 3.49 9.46 15.98
N TRP A 358 2.57 8.52 16.15
CA TRP A 358 2.75 7.30 16.95
C TRP A 358 2.80 6.06 16.06
N TRP A 359 3.84 5.26 16.32
CA TRP A 359 3.96 3.87 15.83
C TRP A 359 3.38 2.95 16.89
N ILE A 360 2.13 2.55 16.68
CA ILE A 360 1.40 1.65 17.57
C ILE A 360 1.81 0.21 17.17
N ASP A 361 2.49 -0.49 18.06
CA ASP A 361 3.07 -1.80 17.73
C ASP A 361 2.45 -2.83 18.64
N TRP A 362 1.22 -3.21 18.33
CA TRP A 362 0.37 -4.07 19.17
C TRP A 362 0.41 -5.52 18.67
N GLN A 363 0.81 -6.44 19.54
CA GLN A 363 0.91 -7.89 19.19
C GLN A 363 0.32 -8.76 20.28
N GLN A 364 -0.49 -8.23 21.21
CA GLN A 364 -0.84 -8.96 22.44
C GLN A 364 -2.31 -9.38 22.43
N GLY A 365 -2.88 -9.55 21.24
CA GLY A 365 -4.13 -10.32 21.13
C GLY A 365 -5.35 -9.41 20.92
N ALA A 366 -6.53 -10.00 20.96
CA ALA A 366 -7.79 -9.38 20.50
C ALA A 366 -8.77 -9.31 21.69
N ILE A 367 -8.29 -9.45 22.92
CA ILE A 367 -9.18 -9.61 24.13
C ILE A 367 -9.48 -8.24 24.77
N SER A 368 -10.76 -7.98 25.04
CA SER A 368 -11.25 -6.83 25.84
C SER A 368 -12.61 -7.20 26.43
N LYS A 369 -13.00 -6.54 27.53
CA LYS A 369 -14.30 -6.85 28.15
C LYS A 369 -15.42 -6.44 27.19
N SER A 370 -15.26 -5.35 26.43
CA SER A 370 -16.26 -4.86 25.44
C SER A 370 -16.47 -5.86 24.29
N GLY A 371 -15.47 -6.71 24.01
CA GLY A 371 -15.47 -7.55 22.79
C GLY A 371 -14.90 -6.82 21.59
N VAL A 372 -14.49 -5.58 21.75
CA VAL A 372 -13.85 -4.79 20.66
C VAL A 372 -12.35 -5.09 20.72
N ASP A 373 -11.79 -5.36 19.57
CA ASP A 373 -10.35 -5.68 19.46
C ASP A 373 -9.57 -4.46 19.95
N PRO A 374 -8.66 -4.62 20.93
CA PRO A 374 -7.85 -3.51 21.38
C PRO A 374 -7.10 -2.85 20.23
N LEU A 375 -6.70 -3.60 19.22
CA LEU A 375 -6.01 -2.96 18.08
C LEU A 375 -6.93 -1.95 17.37
N TRP A 376 -8.20 -2.26 17.21
CA TRP A 376 -9.19 -1.35 16.60
C TRP A 376 -9.34 -0.10 17.49
N LEU A 377 -9.43 -0.31 18.80
CA LEU A 377 -9.60 0.84 19.75
C LEU A 377 -8.38 1.75 19.61
N LEU A 378 -7.17 1.18 19.56
CA LEU A 378 -5.93 1.97 19.44
C LEU A 378 -5.98 2.74 18.13
N ASN A 379 -6.23 2.05 17.01
CA ASN A 379 -6.10 2.74 15.71
C ASN A 379 -7.16 3.87 15.60
N HIS A 380 -8.39 3.56 15.97
CA HIS A 380 -9.55 4.51 15.92
C HIS A 380 -9.25 5.74 16.77
N TYR A 381 -8.92 5.51 18.04
CA TYR A 381 -8.70 6.64 18.99
C TYR A 381 -7.37 7.36 18.77
N GLN A 382 -6.28 6.63 18.51
CA GLN A 382 -4.98 7.29 18.27
C GLN A 382 -5.06 8.11 17.00
N TYR A 383 -5.70 7.60 15.94
CA TYR A 383 -5.75 8.34 14.67
C TYR A 383 -6.49 9.66 14.94
N GLN A 384 -7.62 9.57 15.60
CA GLN A 384 -8.40 10.81 15.98
C GLN A 384 -7.52 11.73 16.82
N ASN A 385 -6.89 11.21 17.88
CA ASN A 385 -6.03 12.03 18.75
C ASN A 385 -4.90 12.68 17.95
N ALA A 386 -4.34 12.02 16.92
CA ALA A 386 -3.19 12.52 16.14
C ALA A 386 -3.52 13.82 15.39
N GLN A 387 -4.79 14.03 15.07
CA GLN A 387 -5.27 15.21 14.29
C GLN A 387 -5.20 16.49 15.15
N LYS A 388 -5.09 16.39 16.48
CA LYS A 388 -5.11 17.58 17.37
C LYS A 388 -3.91 18.49 17.08
N LYS A 389 -2.71 17.93 16.99
CA LYS A 389 -1.46 18.74 16.88
C LYS A 389 -0.97 18.88 15.43
N HIS A 390 -1.39 18.02 14.50
CA HIS A 390 -0.90 18.07 13.09
C HIS A 390 -2.07 17.81 12.15
N LYS A 391 -2.11 18.57 11.05
CA LYS A 391 -3.17 18.45 10.02
C LYS A 391 -2.88 17.17 9.24
N ASN A 392 -3.89 16.34 8.99
CA ASN A 392 -3.73 15.13 8.12
C ASN A 392 -2.65 14.23 8.73
N ASN A 393 -2.62 14.11 10.05
CA ASN A 393 -1.58 13.31 10.69
C ASN A 393 -1.87 11.81 10.46
N ILE A 394 -0.90 10.97 10.78
CA ILE A 394 -1.06 9.49 10.59
C ILE A 394 -0.79 8.76 11.89
N ILE A 395 -1.02 7.46 11.83
CA ILE A 395 -0.44 6.48 12.77
C ILE A 395 0.38 5.48 11.93
N LEU A 396 0.97 4.53 12.62
CA LEU A 396 1.56 3.36 11.93
C LEU A 396 1.15 2.17 12.76
N SER A 397 0.24 1.35 12.23
CA SER A 397 -0.36 0.26 13.03
C SER A 397 -0.90 -0.85 12.13
N ARG A 398 -1.04 -2.05 12.71
CA ARG A 398 -1.56 -3.24 12.01
C ARG A 398 -3.03 -3.06 11.60
N TYR A 399 -3.46 -3.88 10.64
CA TYR A 399 -4.83 -3.85 10.09
C TYR A 399 -5.83 -4.33 11.15
N ALA A 400 -6.92 -3.59 11.32
CA ALA A 400 -7.92 -3.82 12.38
C ALA A 400 -9.30 -4.12 11.81
N GLY A 401 -9.35 -4.67 10.60
CA GLY A 401 -10.63 -5.12 10.05
C GLY A 401 -11.23 -4.06 9.12
N PRO A 402 -12.31 -4.44 8.40
CA PRO A 402 -12.90 -3.59 7.37
C PRO A 402 -13.33 -2.24 7.95
N GLY A 403 -12.96 -1.17 7.26
CA GLY A 403 -13.18 0.22 7.71
C GLY A 403 -11.95 0.80 8.36
N SER A 404 -10.97 -0.03 8.77
CA SER A 404 -9.74 0.46 9.47
C SER A 404 -8.81 1.19 8.50
N HIS A 405 -9.13 1.24 7.19
CA HIS A 405 -8.47 2.14 6.22
C HIS A 405 -8.65 3.61 6.64
N ARG A 406 -9.60 3.87 7.52
CA ARG A 406 -9.87 5.27 7.96
C ARG A 406 -8.70 5.75 8.83
N TYR A 407 -7.83 4.82 9.25
CA TYR A 407 -6.73 5.11 10.21
C TYR A 407 -5.39 4.74 9.60
N PRO A 408 -4.95 5.35 8.48
CA PRO A 408 -3.65 5.02 7.91
C PRO A 408 -2.52 5.48 8.82
N LEU A 409 -1.36 4.84 8.74
CA LEU A 409 -0.93 3.87 7.74
C LEU A 409 -1.00 2.44 8.30
N GLY A 410 -1.16 1.47 7.40
CA GLY A 410 -1.01 0.04 7.71
C GLY A 410 0.46 -0.29 7.97
N PHE A 411 0.68 -1.17 8.96
CA PHE A 411 2.01 -1.66 9.38
C PHE A 411 1.96 -3.19 9.40
N SER A 412 2.59 -3.85 8.44
CA SER A 412 2.41 -5.33 8.32
C SER A 412 3.25 -6.09 9.34
N GLY A 413 4.33 -5.51 9.86
CA GLY A 413 5.07 -6.15 10.94
C GLY A 413 6.13 -7.16 10.52
N ALA A 414 6.30 -8.16 11.38
CA ALA A 414 7.56 -8.93 11.54
C ALA A 414 7.61 -10.09 10.54
N SER A 415 7.65 -9.75 9.26
CA SER A 415 7.89 -10.73 8.17
C SER A 415 9.23 -11.40 8.35
N VAL A 416 9.30 -12.65 7.91
CA VAL A 416 10.59 -13.39 7.86
C VAL A 416 11.35 -12.94 6.61
N ILE A 417 12.66 -12.72 6.79
CA ILE A 417 13.55 -12.24 5.69
C ILE A 417 13.82 -13.40 4.74
N SER A 418 13.09 -13.47 3.62
CA SER A 418 13.25 -14.59 2.66
C SER A 418 12.77 -14.15 1.29
N TRP A 419 13.26 -14.85 0.29
CA TRP A 419 12.69 -14.77 -1.07
C TRP A 419 11.20 -15.08 -1.03
N ALA A 420 10.77 -16.09 -0.27
CA ALA A 420 9.34 -16.47 -0.22
C ALA A 420 8.50 -15.30 0.29
N SER A 421 8.96 -14.62 1.33
CA SER A 421 8.25 -13.43 1.85
C SER A 421 8.17 -12.36 0.76
N LEU A 422 9.27 -12.03 0.10
CA LEU A 422 9.22 -11.00 -0.94
C LEU A 422 8.25 -11.45 -2.03
N ASP A 423 8.28 -12.71 -2.43
CA ASP A 423 7.46 -13.21 -3.56
C ASP A 423 5.96 -13.11 -3.23
N PHE A 424 5.59 -13.11 -1.96
CA PHE A 424 4.19 -12.96 -1.53
C PHE A 424 3.77 -11.47 -1.54
N GLN A 425 4.69 -10.54 -1.35
CA GLN A 425 4.33 -9.22 -0.83
C GLN A 425 3.65 -8.34 -1.90
N PRO A 426 4.01 -8.36 -3.20
CA PRO A 426 3.27 -7.53 -4.17
C PRO A 426 1.81 -7.97 -4.29
N TYR A 427 1.60 -9.29 -4.39
CA TYR A 427 0.24 -9.86 -4.40
C TYR A 427 -0.53 -9.39 -3.14
N PHE A 428 0.08 -9.57 -1.98
CA PHE A 428 -0.53 -9.15 -0.70
C PHE A 428 -0.97 -7.68 -0.80
N THR A 429 -0.13 -6.84 -1.39
CA THR A 429 -0.33 -5.39 -1.35
C THR A 429 -1.48 -4.99 -2.28
N SER A 430 -1.48 -5.47 -3.52
CA SER A 430 -2.53 -5.13 -4.48
C SER A 430 -3.86 -5.77 -4.04
N THR A 431 -3.84 -7.01 -3.53
CA THR A 431 -5.08 -7.68 -3.09
C THR A 431 -5.73 -6.89 -1.94
N ALA A 432 -4.96 -6.22 -1.09
CA ALA A 432 -5.53 -5.45 0.03
C ALA A 432 -6.50 -4.37 -0.48
N SER A 433 -6.32 -3.89 -1.70
CA SER A 433 -7.23 -2.86 -2.28
C SER A 433 -8.67 -3.42 -2.34
N ASN A 434 -8.82 -4.74 -2.40
CA ASN A 434 -10.14 -5.40 -2.44
C ASN A 434 -10.93 -5.27 -1.14
N ILE A 435 -10.33 -4.81 -0.03
CA ILE A 435 -11.08 -4.45 1.19
C ILE A 435 -10.75 -2.98 1.55
N GLY A 436 -10.24 -2.24 0.57
CA GLY A 436 -10.03 -0.79 0.67
C GLY A 436 -8.86 -0.37 1.54
N TYR A 437 -7.93 -1.27 1.86
CA TYR A 437 -6.81 -0.97 2.79
C TYR A 437 -5.57 -0.72 1.96
N THR A 438 -5.40 0.52 1.49
CA THR A 438 -4.49 0.82 0.36
C THR A 438 -3.17 1.44 0.79
N TRP A 439 -2.89 1.55 2.10
CA TRP A 439 -1.64 2.19 2.57
C TRP A 439 -0.86 1.21 3.45
N TRP A 440 -0.65 -0.02 2.96
CA TRP A 440 0.25 -0.94 3.70
C TRP A 440 1.70 -0.43 3.63
N SER A 441 2.32 -0.36 4.79
CA SER A 441 3.77 -0.18 4.94
C SER A 441 4.37 -1.49 5.41
N HIS A 442 5.12 -2.13 4.52
CA HIS A 442 5.91 -3.33 4.84
C HIS A 442 7.29 -2.95 5.33
N ASP A 443 7.88 -3.75 6.20
CA ASP A 443 9.31 -3.66 6.49
C ASP A 443 10.08 -3.97 5.21
N ILE A 444 10.68 -2.96 4.59
CA ILE A 444 11.39 -3.18 3.30
C ILE A 444 12.68 -3.95 3.59
N GLY A 445 12.85 -5.06 2.87
CA GLY A 445 13.95 -6.02 3.07
C GLY A 445 13.58 -7.14 4.05
N GLY A 446 12.40 -7.11 4.66
CA GLY A 446 11.96 -8.12 5.63
C GLY A 446 12.37 -7.80 7.04
N HIS A 447 11.67 -8.32 8.02
CA HIS A 447 11.90 -7.88 9.42
C HIS A 447 12.98 -8.71 10.10
N MET A 448 12.76 -10.01 10.19
CA MET A 448 13.56 -10.81 11.14
C MET A 448 13.80 -12.25 10.63
N GLN A 449 14.67 -12.94 11.37
CA GLN A 449 15.03 -14.35 11.08
C GLN A 449 15.40 -14.46 9.62
N GLY A 450 15.12 -15.59 8.96
CA GLY A 450 15.51 -15.71 7.56
C GLY A 450 17.02 -15.68 7.35
N TYR A 451 17.46 -15.21 6.21
CA TYR A 451 18.86 -15.40 5.76
CA TYR A 451 18.78 -15.51 5.60
C TYR A 451 19.33 -14.23 4.93
N LYS A 452 20.64 -14.07 4.90
CA LYS A 452 21.29 -12.94 4.22
C LYS A 452 21.40 -13.25 2.74
N ASP A 453 21.08 -12.25 1.92
CA ASP A 453 21.27 -12.30 0.46
C ASP A 453 21.13 -10.86 -0.02
N ALA A 454 22.22 -10.20 -0.37
CA ALA A 454 22.17 -8.76 -0.72
C ALA A 454 21.23 -8.52 -1.91
N GLU A 455 21.09 -9.49 -2.78
CA GLU A 455 20.19 -9.38 -3.96
C GLU A 455 18.73 -9.34 -3.49
N LEU A 456 18.38 -10.16 -2.48
CA LEU A 456 17.04 -10.15 -1.87
C LEU A 456 16.78 -8.73 -1.34
N SER A 457 17.72 -8.18 -0.58
CA SER A 457 17.59 -6.82 0.00
C SER A 457 17.32 -5.81 -1.13
N LEU A 458 18.07 -5.91 -2.22
CA LEU A 458 17.95 -4.96 -3.35
C LEU A 458 16.60 -5.16 -4.06
N ARG A 459 16.21 -6.38 -4.37
CA ARG A 459 14.89 -6.64 -5.00
C ARG A 459 13.79 -6.12 -4.08
N TRP A 460 13.93 -6.28 -2.76
CA TRP A 460 12.85 -5.89 -1.84
C TRP A 460 12.72 -4.36 -1.86
N LEU A 461 13.83 -3.66 -1.95
CA LEU A 461 13.80 -2.18 -1.99
C LEU A 461 13.17 -1.73 -3.32
N GLN A 462 13.48 -2.40 -4.41
CA GLN A 462 12.83 -2.07 -5.70
C GLN A 462 11.31 -2.10 -5.54
N PHE A 463 10.78 -3.19 -5.00
CA PHE A 463 9.34 -3.33 -4.72
C PHE A 463 8.88 -2.18 -3.81
N GLY A 464 9.58 -1.98 -2.68
CA GLY A 464 9.20 -0.96 -1.71
C GLY A 464 9.01 0.40 -2.37
N VAL A 465 9.91 0.78 -3.26
CA VAL A 465 9.87 2.11 -3.93
C VAL A 465 8.58 2.22 -4.74
N PHE A 466 8.09 1.10 -5.24
CA PHE A 466 6.83 1.01 -6.02
C PHE A 466 5.72 0.38 -5.16
N SER A 467 5.73 0.69 -3.87
CA SER A 467 4.69 0.25 -2.93
C SER A 467 4.07 1.50 -2.29
N PRO A 468 3.01 1.32 -1.51
CA PRO A 468 2.31 2.47 -0.91
C PRO A 468 3.26 3.32 -0.05
N ILE A 469 4.15 2.67 0.70
CA ILE A 469 5.03 3.34 1.68
C ILE A 469 6.42 2.68 1.61
N ASN A 470 7.49 3.46 1.69
CA ASN A 470 8.87 2.91 1.60
C ASN A 470 9.62 3.12 2.90
N ARG A 471 9.37 2.23 3.86
CA ARG A 471 9.93 2.26 5.23
C ARG A 471 10.94 1.12 5.37
N LEU A 472 12.22 1.48 5.48
CA LEU A 472 13.30 0.51 5.75
C LEU A 472 13.21 0.18 7.23
N HIS A 473 13.20 -1.09 7.59
CA HIS A 473 13.14 -1.50 9.01
C HIS A 473 13.76 -2.90 9.14
N SER A 474 14.23 -3.23 10.34
N SER A 474 14.23 -3.25 10.33
CA SER A 474 14.88 -4.51 10.65
CA SER A 474 14.90 -4.56 10.57
C SER A 474 14.80 -4.86 12.12
C SER A 474 14.93 -4.82 12.06
N SER A 475 15.10 -6.12 12.37
N SER A 475 15.06 -6.08 12.45
CA SER A 475 15.23 -6.84 13.66
CA SER A 475 14.97 -6.52 13.86
C SER A 475 16.35 -6.27 14.53
C SER A 475 16.30 -6.25 14.56
N LYS A 476 16.43 -6.82 15.74
CA LYS A 476 17.51 -6.54 16.72
C LYS A 476 18.87 -7.16 16.33
N SER A 477 18.99 -7.89 15.26
CA SER A 477 20.29 -8.45 14.82
C SER A 477 21.34 -7.35 14.54
N GLU A 478 22.60 -7.61 14.92
CA GLU A 478 23.74 -6.78 14.47
C GLU A 478 23.92 -6.87 12.95
N PHE A 479 23.26 -7.83 12.27
CA PHE A 479 23.58 -8.20 10.87
C PHE A 479 22.49 -7.82 9.89
N THR A 480 21.40 -7.15 10.32
CA THR A 480 20.24 -6.94 9.40
C THR A 480 19.99 -5.46 9.06
N SER A 481 20.94 -4.57 9.26
CA SER A 481 20.74 -3.15 8.87
C SER A 481 20.41 -3.04 7.37
N LYS A 482 19.47 -2.15 7.04
CA LYS A 482 19.09 -1.85 5.65
C LYS A 482 19.87 -0.65 5.10
N GLU A 483 20.89 -0.16 5.81
CA GLU A 483 21.75 0.89 5.23
C GLU A 483 22.36 0.43 3.91
N PRO A 484 22.26 1.21 2.81
CA PRO A 484 22.85 0.81 1.53
C PRO A 484 24.34 0.41 1.62
N TRP A 485 25.11 1.12 2.46
CA TRP A 485 26.58 0.96 2.57
C TRP A 485 26.90 -0.24 3.46
N HIS A 486 25.88 -0.96 3.94
CA HIS A 486 26.07 -2.31 4.54
C HIS A 486 26.60 -3.26 3.45
N PHE A 487 26.19 -3.04 2.20
CA PHE A 487 26.41 -3.96 1.06
C PHE A 487 27.58 -3.52 0.22
N ASP A 488 27.90 -4.30 -0.82
CA ASP A 488 29.04 -4.01 -1.71
C ASP A 488 28.71 -2.80 -2.59
N ALA A 489 29.71 -2.34 -3.33
CA ALA A 489 29.62 -1.04 -4.01
C ALA A 489 28.50 -1.10 -5.06
N VAL A 490 28.27 -2.25 -5.67
CA VAL A 490 27.24 -2.39 -6.74
C VAL A 490 25.85 -2.30 -6.11
N ILE A 491 25.65 -3.09 -5.06
CA ILE A 491 24.36 -3.11 -4.32
C ILE A 491 24.13 -1.71 -3.72
N GLU A 492 25.12 -1.12 -3.05
CA GLU A 492 24.99 0.20 -2.41
C GLU A 492 24.49 1.23 -3.44
N GLN A 493 25.16 1.31 -4.59
CA GLN A 493 24.85 2.36 -5.58
C GLN A 493 23.42 2.14 -6.10
N SER A 494 23.04 0.91 -6.35
CA SER A 494 21.67 0.60 -6.84
C SER A 494 20.64 0.99 -5.77
N MET A 495 20.90 0.69 -4.50
CA MET A 495 19.95 1.02 -3.43
C MET A 495 19.85 2.54 -3.36
N ILE A 496 20.97 3.25 -3.45
CA ILE A 496 20.94 4.73 -3.39
C ILE A 496 20.10 5.24 -4.56
N ASP A 497 20.31 4.71 -5.76
CA ASP A 497 19.54 5.14 -6.96
C ASP A 497 18.04 4.94 -6.72
N PHE A 498 17.61 3.79 -6.18
CA PHE A 498 16.17 3.51 -5.96
C PHE A 498 15.63 4.42 -4.85
N LEU A 499 16.44 4.68 -3.82
CA LEU A 499 15.99 5.56 -2.72
C LEU A 499 15.78 6.99 -3.24
N GLN A 500 16.65 7.47 -4.11
CA GLN A 500 16.49 8.78 -4.78
C GLN A 500 15.23 8.73 -5.65
N LEU A 501 14.98 7.62 -6.32
CA LEU A 501 13.81 7.51 -7.23
C LEU A 501 12.51 7.66 -6.41
N ARG A 502 12.45 7.11 -5.19
CA ARG A 502 11.25 7.23 -4.34
C ARG A 502 10.90 8.72 -4.17
N HIS A 503 11.89 9.55 -3.88
CA HIS A 503 11.63 11.02 -3.69
C HIS A 503 11.31 11.66 -5.03
N GLN A 504 11.86 11.20 -6.13
CA GLN A 504 11.46 11.72 -7.46
C GLN A 504 9.98 11.42 -7.70
N LEU A 505 9.47 10.31 -7.14
CA LEU A 505 8.08 9.89 -7.35
C LEU A 505 7.11 10.55 -6.36
N ILE A 506 7.57 11.36 -5.40
CA ILE A 506 6.64 11.90 -4.38
C ILE A 506 5.54 12.73 -5.06
N PRO A 507 5.80 13.62 -6.05
CA PRO A 507 4.68 14.32 -6.69
C PRO A 507 3.60 13.35 -7.20
N TYR A 508 4.00 12.31 -7.92
CA TYR A 508 3.06 11.29 -8.46
C TYR A 508 2.30 10.59 -7.34
N LEU A 509 3.01 10.22 -6.25
CA LEU A 509 2.41 9.54 -5.09
C LEU A 509 1.42 10.45 -4.38
N TYR A 510 1.78 11.72 -4.21
CA TYR A 510 0.96 12.67 -3.41
C TYR A 510 -0.31 12.94 -4.21
N SER A 511 -0.19 13.09 -5.52
CA SER A 511 -1.36 13.28 -6.40
C SER A 511 -2.27 12.04 -6.32
N ALA A 512 -1.71 10.83 -6.36
CA ALA A 512 -2.52 9.60 -6.22
C ALA A 512 -3.17 9.53 -4.84
N ASN A 513 -2.47 9.94 -3.80
CA ASN A 513 -2.99 10.00 -2.43
C ASN A 513 -4.26 10.88 -2.40
N LEU A 514 -4.20 12.03 -3.02
CA LEU A 514 -5.39 12.92 -3.01
C LEU A 514 -6.51 12.25 -3.78
N ILE A 515 -6.20 11.47 -4.82
CA ILE A 515 -7.24 10.70 -5.59
C ILE A 515 -7.81 9.57 -4.73
N THR A 516 -7.00 8.84 -3.96
CA THR A 516 -7.56 7.87 -2.98
C THR A 516 -8.60 8.56 -2.06
N ALA A 517 -8.22 9.69 -1.47
CA ALA A 517 -9.02 10.42 -0.44
C ALA A 517 -10.32 10.96 -1.07
N SER A 518 -10.25 11.48 -2.29
CA SER A 518 -11.39 12.21 -2.88
C SER A 518 -12.21 11.29 -3.78
N GLU A 519 -11.61 10.29 -4.45
CA GLU A 519 -12.32 9.53 -5.51
C GLU A 519 -12.39 8.04 -5.17
N GLY A 520 -11.73 7.59 -4.11
CA GLY A 520 -11.84 6.17 -3.71
C GLY A 520 -11.09 5.23 -4.65
N ARG A 521 -10.09 5.73 -5.36
CA ARG A 521 -9.22 4.91 -6.24
C ARG A 521 -7.90 4.58 -5.51
N ALA A 522 -7.59 3.30 -5.43
CA ALA A 522 -6.32 2.83 -4.81
C ALA A 522 -5.13 3.24 -5.67
N LEU A 523 -4.01 3.55 -5.02
CA LEU A 523 -2.71 3.76 -5.71
C LEU A 523 -2.32 2.45 -6.39
N VAL A 524 -2.36 1.35 -5.65
CA VAL A 524 -1.96 0.01 -6.16
C VAL A 524 -3.22 -0.77 -6.46
N GLU A 525 -3.41 -1.10 -7.74
CA GLU A 525 -4.54 -1.91 -8.20
C GLU A 525 -4.08 -3.23 -8.78
N PRO A 526 -4.80 -4.32 -8.47
CA PRO A 526 -4.61 -5.56 -9.20
C PRO A 526 -4.93 -5.33 -10.69
N LEU A 527 -4.35 -6.13 -11.57
CA LEU A 527 -4.56 -5.92 -13.02
C LEU A 527 -6.05 -5.97 -13.36
N TYR A 528 -6.82 -6.83 -12.69
CA TYR A 528 -8.24 -7.08 -13.01
C TYR A 528 -9.12 -5.86 -12.70
N TYR A 529 -8.65 -4.82 -12.01
CA TYR A 529 -9.46 -3.58 -11.86
C TYR A 529 -9.59 -2.91 -13.23
N GLU A 530 -8.49 -2.84 -13.98
CA GLU A 530 -8.45 -2.19 -15.32
C GLU A 530 -8.90 -3.16 -16.40
N TYR A 531 -8.67 -4.47 -16.23
CA TYR A 531 -8.85 -5.52 -17.27
C TYR A 531 -9.68 -6.67 -16.71
N PRO A 532 -10.90 -6.39 -16.22
CA PRO A 532 -11.70 -7.42 -15.56
C PRO A 532 -12.08 -8.64 -16.39
N MET A 533 -12.14 -8.51 -17.74
CA MET A 533 -12.56 -9.61 -18.61
C MET A 533 -11.36 -10.32 -19.23
N GLU A 534 -10.12 -9.95 -18.91
CA GLU A 534 -8.91 -10.60 -19.47
C GLU A 534 -8.46 -11.70 -18.53
N GLU A 535 -8.49 -12.97 -18.95
CA GLU A 535 -8.06 -14.05 -18.03
C GLU A 535 -6.64 -13.75 -17.53
N GLU A 536 -5.75 -13.23 -18.37
CA GLU A 536 -4.34 -13.03 -17.97
C GLU A 536 -4.25 -12.01 -16.83
N ALA A 537 -5.25 -11.16 -16.63
CA ALA A 537 -5.24 -10.18 -15.52
C ALA A 537 -5.39 -10.88 -14.17
N TYR A 538 -5.77 -12.15 -14.14
CA TYR A 538 -5.94 -12.96 -12.92
C TYR A 538 -4.76 -13.95 -12.78
N GLN A 539 -3.79 -13.92 -13.70
CA GLN A 539 -2.73 -14.97 -13.71
C GLN A 539 -1.33 -14.37 -13.45
N HIS A 540 -1.27 -13.11 -13.02
CA HIS A 540 0.00 -12.40 -12.75
C HIS A 540 -0.09 -11.76 -11.38
N ARG A 541 -0.04 -12.61 -10.35
CA ARG A 541 -0.37 -12.23 -8.96
C ARG A 541 0.43 -11.02 -8.50
N ASN A 542 1.69 -10.90 -8.88
CA ASN A 542 2.58 -9.84 -8.34
C ASN A 542 2.62 -8.62 -9.24
N GLN A 543 1.85 -8.62 -10.32
CA GLN A 543 1.84 -7.51 -11.31
C GLN A 543 0.73 -6.54 -10.92
N TYR A 544 0.95 -5.24 -11.07
CA TYR A 544 -0.06 -4.27 -10.60
C TYR A 544 0.05 -2.96 -11.37
N LEU A 545 -1.03 -2.20 -11.31
CA LEU A 545 -1.00 -0.79 -11.72
C LEU A 545 -0.58 0.03 -10.52
N PHE A 546 0.26 1.04 -10.78
CA PHE A 546 0.82 1.94 -9.77
C PHE A 546 0.44 3.35 -10.24
N GLY A 547 -0.62 3.90 -9.64
CA GLY A 547 -1.24 5.13 -10.14
C GLY A 547 -1.87 4.78 -11.47
N GLU A 548 -2.08 5.75 -12.32
CA GLU A 548 -2.77 5.53 -13.61
C GLU A 548 -1.79 5.44 -14.77
N GLN A 549 -0.49 5.70 -14.59
CA GLN A 549 0.42 5.83 -15.75
C GLN A 549 1.45 4.69 -15.79
N LEU A 550 1.57 3.86 -14.76
CA LEU A 550 2.69 2.90 -14.64
C LEU A 550 2.15 1.52 -14.28
N MET A 551 2.80 0.50 -14.80
CA MET A 551 2.47 -0.93 -14.56
C MET A 551 3.77 -1.58 -14.09
N VAL A 552 3.71 -2.28 -12.97
CA VAL A 552 4.93 -2.77 -12.27
C VAL A 552 4.87 -4.31 -12.23
N ALA A 553 5.99 -4.94 -12.55
CA ALA A 553 6.16 -6.41 -12.44
C ALA A 553 7.45 -6.65 -11.70
N PRO A 554 7.42 -6.58 -10.35
CA PRO A 554 8.63 -6.77 -9.57
C PRO A 554 9.21 -8.17 -9.81
N ILE A 555 10.53 -8.24 -9.75
CA ILE A 555 11.25 -9.54 -9.77
C ILE A 555 11.40 -9.96 -8.31
N THR A 556 10.91 -11.15 -7.99
CA THR A 556 10.86 -11.65 -6.60
C THR A 556 11.44 -13.06 -6.50
N GLU A 557 12.34 -13.40 -7.42
CA GLU A 557 13.04 -14.73 -7.44
C GLU A 557 14.52 -14.44 -7.65
N LYS A 558 15.35 -15.21 -6.98
CA LYS A 558 16.82 -15.11 -7.11
C LYS A 558 17.21 -15.30 -8.58
N MET A 559 18.19 -14.52 -9.00
CA MET A 559 18.65 -14.56 -10.40
C MET A 559 19.16 -15.96 -10.77
N ASN A 560 19.05 -16.22 -12.06
CA ASN A 560 19.64 -17.40 -12.72
C ASN A 560 21.11 -17.05 -12.92
N SER A 561 22.03 -17.74 -12.24
CA SER A 561 23.46 -17.38 -12.29
C SER A 561 24.01 -17.55 -13.70
N LEU A 562 23.47 -18.45 -14.53
CA LEU A 562 23.95 -18.59 -15.90
C LEU A 562 23.63 -17.33 -16.70
N LEU A 563 22.54 -16.64 -16.42
CA LEU A 563 22.18 -15.40 -17.14
C LEU A 563 22.68 -14.15 -16.43
N GLN A 564 22.97 -14.23 -15.14
CA GLN A 564 23.24 -13.06 -14.30
C GLN A 564 22.03 -12.10 -14.35
N MET A 565 20.84 -12.64 -14.50
CA MET A 565 19.56 -11.87 -14.56
C MET A 565 18.44 -12.64 -13.86
N GLY A 566 17.59 -11.88 -13.17
CA GLY A 566 16.30 -12.39 -12.67
C GLY A 566 15.25 -12.20 -13.72
N SER A 567 14.07 -12.75 -13.48
CA SER A 567 13.01 -12.69 -14.50
C SER A 567 11.64 -12.75 -13.85
N VAL A 568 10.63 -12.37 -14.63
CA VAL A 568 9.22 -12.43 -14.22
C VAL A 568 8.42 -12.51 -15.51
N GLU A 569 7.36 -13.32 -15.51
CA GLU A 569 6.42 -13.36 -16.65
C GLU A 569 5.50 -12.15 -16.52
N VAL A 570 5.53 -11.31 -17.56
CA VAL A 570 4.73 -10.07 -17.64
C VAL A 570 3.59 -10.28 -18.63
N TRP A 571 2.39 -9.91 -18.19
CA TRP A 571 1.26 -9.79 -19.15
C TRP A 571 1.23 -8.34 -19.64
N PHE A 572 1.36 -8.15 -20.94
CA PHE A 572 1.25 -6.80 -21.54
C PHE A 572 -0.15 -6.69 -22.12
N PRO A 573 -1.01 -5.83 -21.54
CA PRO A 573 -2.30 -5.54 -22.17
C PRO A 573 -2.13 -4.97 -23.60
N GLU A 574 -3.22 -4.95 -24.34
CA GLU A 574 -3.30 -4.29 -25.66
C GLU A 574 -2.64 -2.91 -25.60
N GLY A 575 -1.91 -2.56 -26.64
CA GLY A 575 -1.26 -1.25 -26.72
C GLY A 575 0.23 -1.40 -26.83
N THR A 576 0.90 -0.29 -26.98
CA THR A 576 2.38 -0.24 -27.05
C THR A 576 2.91 0.17 -25.68
N TRP A 577 3.81 -0.64 -25.10
CA TRP A 577 4.35 -0.42 -23.75
C TRP A 577 5.85 -0.18 -23.85
N TYR A 578 6.38 0.63 -22.96
CA TYR A 578 7.80 0.97 -22.88
C TYR A 578 8.28 0.65 -21.47
N ASP A 579 9.45 0.03 -21.36
CA ASP A 579 10.15 0.03 -20.06
C ASP A 579 10.34 1.48 -19.63
N PHE A 580 9.94 1.80 -18.41
CA PHE A 580 9.98 3.17 -17.85
C PHE A 580 11.42 3.67 -17.78
N PHE A 581 12.38 2.79 -17.54
CA PHE A 581 13.82 3.17 -17.38
C PHE A 581 14.58 3.16 -18.71
N SER A 582 14.36 2.16 -19.58
CA SER A 582 15.23 1.90 -20.76
C SER A 582 14.56 2.34 -22.07
N GLY A 583 13.24 2.42 -22.10
CA GLY A 583 12.50 2.63 -23.36
C GLY A 583 12.33 1.38 -24.18
N GLN A 584 12.75 0.22 -23.68
CA GLN A 584 12.57 -1.04 -24.43
C GLN A 584 11.09 -1.17 -24.73
N PRO A 585 10.68 -1.36 -26.00
CA PRO A 585 9.27 -1.47 -26.33
C PRO A 585 8.72 -2.90 -26.33
N TYR A 586 7.42 -2.99 -26.09
CA TYR A 586 6.65 -4.24 -26.13
C TYR A 586 5.27 -4.00 -26.75
N ASP A 587 4.96 -4.79 -27.76
CA ASP A 587 3.63 -4.82 -28.40
C ASP A 587 2.72 -5.74 -27.59
N GLY A 588 1.71 -5.19 -26.92
CA GLY A 588 0.62 -6.01 -26.36
C GLY A 588 -0.32 -6.47 -27.46
N LYS A 589 -1.26 -7.38 -27.17
CA LYS A 589 -1.36 -8.11 -25.93
C LYS A 589 -0.48 -9.35 -26.03
N VAL A 590 0.29 -9.63 -24.97
CA VAL A 590 1.20 -10.80 -24.99
C VAL A 590 1.59 -11.10 -23.56
N SER A 591 1.86 -12.37 -23.27
CA SER A 591 2.53 -12.78 -22.01
C SER A 591 3.97 -13.18 -22.36
N LEU A 592 4.91 -12.54 -21.71
CA LEU A 592 6.32 -12.58 -22.14
C LEU A 592 7.17 -12.60 -20.88
N LYS A 593 8.09 -13.54 -20.80
CA LYS A 593 9.09 -13.59 -19.71
C LYS A 593 10.10 -12.47 -19.96
N VAL A 594 10.29 -11.61 -18.96
CA VAL A 594 11.25 -10.49 -19.05
C VAL A 594 12.36 -10.67 -18.02
N TYR A 595 13.54 -10.30 -18.43
CA TYR A 595 14.82 -10.54 -17.71
C TYR A 595 15.44 -9.18 -17.39
N ARG A 596 15.90 -9.03 -16.16
CA ARG A 596 16.59 -7.79 -15.75
C ARG A 596 17.79 -8.17 -14.89
N GLU A 597 18.86 -7.41 -15.00
CA GLU A 597 19.99 -7.46 -14.03
C GLU A 597 19.47 -7.11 -12.64
N ILE A 598 20.24 -7.42 -11.59
CA ILE A 598 19.71 -7.25 -10.22
C ILE A 598 19.51 -5.75 -9.93
N THR A 599 20.15 -4.87 -10.70
CA THR A 599 20.07 -3.41 -10.50
C THR A 599 18.90 -2.78 -11.26
N GLU A 600 18.09 -3.56 -11.96
CA GLU A 600 17.04 -2.99 -12.85
C GLU A 600 15.71 -3.66 -12.55
N MET A 601 14.63 -2.90 -12.61
CA MET A 601 13.27 -3.38 -12.23
C MET A 601 12.29 -3.25 -13.40
N PRO A 602 11.41 -4.25 -13.66
CA PRO A 602 10.44 -4.12 -14.75
C PRO A 602 9.29 -3.18 -14.33
N VAL A 603 9.30 -1.99 -14.90
CA VAL A 603 8.25 -0.96 -14.74
C VAL A 603 7.96 -0.45 -16.14
N PHE A 604 6.69 -0.30 -16.46
CA PHE A 604 6.29 -0.04 -17.86
C PHE A 604 5.30 1.12 -17.92
N ALA A 605 5.33 1.82 -19.04
CA ALA A 605 4.42 2.95 -19.32
C ALA A 605 3.87 2.75 -20.74
N LYS A 606 2.59 3.01 -20.95
CA LYS A 606 1.99 2.99 -22.32
C LYS A 606 2.46 4.19 -23.14
N ALA A 607 2.47 4.05 -24.46
CA ALA A 607 2.51 5.20 -25.41
C ALA A 607 1.53 6.26 -24.92
N GLY A 608 1.99 7.49 -24.78
CA GLY A 608 1.18 8.65 -24.36
C GLY A 608 1.28 8.89 -22.87
N ALA A 609 1.95 8.01 -22.12
CA ALA A 609 2.09 8.21 -20.66
C ALA A 609 2.81 9.53 -20.40
N ILE A 610 2.39 10.22 -19.35
CA ILE A 610 3.04 11.44 -18.84
C ILE A 610 3.23 11.22 -17.35
N ILE A 611 4.49 11.24 -16.92
CA ILE A 611 4.85 11.03 -15.49
C ILE A 611 5.63 12.25 -15.01
N PRO A 612 5.14 12.96 -14.01
CA PRO A 612 5.92 14.01 -13.38
C PRO A 612 6.96 13.40 -12.43
N LEU A 613 8.12 14.02 -12.35
CA LEU A 613 9.18 13.66 -11.39
C LEU A 613 9.73 14.93 -10.76
N ASP A 614 10.07 14.84 -9.49
CA ASP A 614 10.80 15.94 -8.81
C ASP A 614 12.19 15.97 -9.45
N LYS A 615 12.60 17.11 -9.98
CA LYS A 615 13.95 17.26 -10.57
C LYS A 615 15.02 17.29 -9.46
N ASN A 616 14.64 17.71 -8.26
CA ASN A 616 15.59 17.95 -7.15
C ASN A 616 15.17 17.12 -5.94
N PRO A 617 15.20 15.76 -6.04
CA PRO A 617 14.72 14.94 -4.94
C PRO A 617 15.51 15.08 -3.63
N LEU A 618 16.77 15.55 -3.67
CA LEU A 618 17.58 15.72 -2.42
C LEU A 618 17.26 17.07 -1.75
N LYS A 619 16.68 17.98 -2.52
CA LYS A 619 16.47 19.37 -2.05
C LYS A 619 15.32 19.38 -1.06
N LYS A 620 15.54 19.97 0.11
CA LYS A 620 14.54 20.07 1.18
C LYS A 620 13.68 21.30 0.88
N GLU A 621 12.42 21.06 0.50
CA GLU A 621 11.47 22.11 0.10
C GLU A 621 10.10 21.45 0.18
N GLU A 622 9.09 22.19 0.62
CA GLU A 622 7.78 21.61 0.96
C GLU A 622 7.16 21.05 -0.32
N ILE A 623 7.29 21.76 -1.44
CA ILE A 623 6.83 21.27 -2.78
C ILE A 623 7.94 21.51 -3.79
N PRO A 624 8.04 20.68 -4.84
CA PRO A 624 9.12 20.84 -5.79
C PRO A 624 9.09 22.22 -6.48
N SER A 625 10.24 22.88 -6.47
CA SER A 625 10.50 24.11 -7.28
C SER A 625 10.70 23.72 -8.74
N GLU A 626 10.96 22.44 -9.06
CA GLU A 626 11.10 22.02 -10.47
C GLU A 626 10.51 20.65 -10.71
N ILE A 627 9.67 20.53 -11.74
CA ILE A 627 9.09 19.22 -12.15
C ILE A 627 9.66 18.87 -13.53
N ILE A 628 10.06 17.61 -13.68
CA ILE A 628 10.33 16.97 -14.98
C ILE A 628 9.03 16.30 -15.43
N TRP A 629 8.62 16.61 -16.64
CA TRP A 629 7.49 15.96 -17.35
C TRP A 629 8.09 14.93 -18.28
N LYS A 630 7.98 13.66 -17.90
CA LYS A 630 8.52 12.57 -18.72
C LYS A 630 7.38 12.01 -19.57
N ILE A 631 7.54 12.15 -20.88
CA ILE A 631 6.51 11.82 -21.89
C ILE A 631 6.99 10.61 -22.67
N PHE A 632 6.11 9.62 -22.82
CA PHE A 632 6.30 8.43 -23.68
C PHE A 632 5.60 8.70 -25.00
N PRO A 633 6.36 8.83 -26.11
CA PRO A 633 5.75 9.08 -27.41
C PRO A 633 4.83 7.99 -27.94
N GLY A 634 4.00 8.35 -28.93
CA GLY A 634 3.24 7.37 -29.73
C GLY A 634 1.73 7.46 -29.58
N ALA A 635 1.21 8.25 -28.63
CA ALA A 635 -0.24 8.40 -28.40
C ALA A 635 -0.48 9.70 -27.65
N ASP A 636 -1.75 10.11 -27.59
CA ASP A 636 -2.18 11.25 -26.76
C ASP A 636 -2.10 10.82 -25.29
N GLY A 637 -1.97 11.79 -24.39
CA GLY A 637 -2.00 11.50 -22.96
C GLY A 637 -2.39 12.71 -22.17
N GLU A 638 -2.50 12.52 -20.87
CA GLU A 638 -2.89 13.59 -19.95
C GLU A 638 -2.50 13.14 -18.56
N TYR A 639 -2.07 14.09 -17.75
CA TYR A 639 -1.80 13.89 -16.31
C TYR A 639 -2.23 15.12 -15.53
N LEU A 640 -2.98 14.91 -14.45
CA LEU A 640 -3.36 15.98 -13.49
C LEU A 640 -2.53 15.84 -12.21
N LEU A 641 -1.63 16.78 -11.97
CA LEU A 641 -0.83 16.86 -10.73
C LEU A 641 -1.58 17.67 -9.66
N LEU A 642 -2.23 16.95 -8.75
CA LEU A 642 -2.86 17.53 -7.55
C LEU A 642 -1.79 17.82 -6.50
N GLU A 643 -1.82 19.03 -5.93
CA GLU A 643 -0.89 19.41 -4.85
C GLU A 643 -1.65 20.09 -3.71
N GLU A 644 -0.95 20.36 -2.60
CA GLU A 644 -1.52 20.99 -1.38
C GLU A 644 -2.33 22.23 -1.81
N ASP A 645 -1.75 23.09 -2.65
CA ASP A 645 -2.35 24.41 -2.99
C ASP A 645 -2.34 24.66 -4.51
N ASN A 646 -2.47 23.62 -5.32
CA ASN A 646 -2.51 23.80 -6.79
C ASN A 646 -3.03 22.54 -7.49
N GLU A 647 -3.41 22.70 -8.74
CA GLU A 647 -3.65 21.61 -9.71
C GLU A 647 -2.96 22.02 -11.01
N THR A 648 -2.15 21.12 -11.60
CA THR A 648 -1.39 21.38 -12.84
C THR A 648 -1.73 20.29 -13.84
N LYS A 649 -2.26 20.68 -15.01
CA LYS A 649 -2.66 19.74 -16.08
C LYS A 649 -1.59 19.73 -17.16
N ALA A 650 -1.07 18.55 -17.47
CA ALA A 650 -0.19 18.26 -18.61
C ALA A 650 -1.01 17.47 -19.60
N GLU A 651 -1.11 18.01 -20.80
CA GLU A 651 -1.89 17.42 -21.91
C GLU A 651 -0.92 17.17 -23.06
N PHE A 652 -1.07 16.02 -23.73
CA PHE A 652 -0.32 15.67 -24.95
C PHE A 652 -1.34 15.26 -26.00
N VAL A 653 -1.58 16.14 -26.97
CA VAL A 653 -2.70 15.99 -27.94
C VAL A 653 -2.17 16.34 -29.34
N ASN A 654 -2.20 15.37 -30.26
CA ASN A 654 -1.69 15.54 -31.65
C ASN A 654 -0.30 16.18 -31.59
N GLY A 655 0.58 15.65 -30.73
CA GLY A 655 1.99 16.06 -30.60
C GLY A 655 2.20 17.43 -29.98
N ILE A 656 1.15 18.09 -29.48
CA ILE A 656 1.26 19.39 -28.75
C ILE A 656 1.20 19.08 -27.24
N PHE A 657 2.23 19.47 -26.51
CA PHE A 657 2.30 19.33 -25.05
C PHE A 657 1.95 20.68 -24.43
N THR A 658 0.93 20.73 -23.59
CA THR A 658 0.50 21.95 -22.86
C THR A 658 0.54 21.67 -21.36
N VAL A 659 1.08 22.63 -20.61
CA VAL A 659 1.03 22.73 -19.13
C VAL A 659 0.28 23.98 -18.70
N THR A 660 -0.79 23.81 -17.92
CA THR A 660 -1.60 24.89 -17.29
C THR A 660 -1.74 24.59 -15.80
N SER A 661 -1.98 25.60 -14.97
CA SER A 661 -2.22 25.42 -13.52
C SER A 661 -3.38 26.31 -13.07
N LYS A 662 -4.12 25.90 -12.05
CA LYS A 662 -5.11 26.79 -11.42
C LYS A 662 -4.38 28.06 -11.00
N LYS A 663 -3.46 27.99 -10.05
CA LYS A 663 -2.75 29.18 -9.50
C LYS A 663 -1.40 29.31 -10.22
N GLU A 664 -0.88 30.54 -10.37
CA GLU A 664 0.48 30.79 -10.94
C GLU A 664 1.51 30.45 -9.88
N SER A 665 2.75 30.18 -10.29
CA SER A 665 3.90 30.02 -9.37
C SER A 665 5.21 30.20 -10.13
N SER A 666 6.32 30.24 -9.39
CA SER A 666 7.70 30.35 -9.91
C SER A 666 8.23 28.96 -10.30
N ARG A 667 7.40 27.91 -10.19
CA ARG A 667 7.90 26.54 -10.51
C ARG A 667 8.47 26.54 -11.91
N LYS A 668 9.60 25.87 -12.11
CA LYS A 668 10.29 25.65 -13.40
C LYS A 668 10.01 24.22 -13.88
N HIS A 669 9.50 24.10 -15.10
CA HIS A 669 9.10 22.84 -15.76
C HIS A 669 10.23 22.38 -16.68
N THR A 670 10.61 21.10 -16.58
CA THR A 670 11.53 20.45 -17.53
C THR A 670 10.71 19.42 -18.30
N ILE A 671 10.92 19.35 -19.61
CA ILE A 671 10.21 18.38 -20.48
C ILE A 671 11.21 17.39 -21.03
N ILE A 672 10.93 16.10 -20.86
CA ILE A 672 11.72 15.01 -21.49
C ILE A 672 10.77 14.26 -22.39
N TYR A 673 11.01 14.28 -23.70
CA TYR A 673 10.17 13.63 -24.71
C TYR A 673 10.96 12.42 -25.23
N GLY A 674 10.53 11.22 -24.83
CA GLY A 674 11.30 9.99 -25.06
C GLY A 674 12.67 10.14 -24.43
N GLU A 675 13.70 10.22 -25.27
CA GLU A 675 15.14 10.17 -24.90
C GLU A 675 15.60 11.56 -24.43
N HIS A 676 15.07 12.64 -25.00
CA HIS A 676 15.76 13.95 -25.06
C HIS A 676 15.03 15.01 -24.24
N GLU A 677 15.78 15.75 -23.43
CA GLU A 677 15.32 16.96 -22.73
C GLU A 677 15.07 18.05 -23.80
N ILE A 678 13.82 18.48 -23.96
CA ILE A 678 13.38 19.48 -24.98
C ILE A 678 13.37 20.87 -24.37
N VAL A 679 12.87 21.01 -23.15
CA VAL A 679 12.69 22.31 -22.46
C VAL A 679 13.35 22.16 -21.10
N SER A 680 14.22 23.08 -20.75
CA SER A 680 14.86 23.13 -19.41
C SER A 680 14.36 24.34 -18.62
N ALA A 681 13.82 24.12 -17.43
CA ALA A 681 13.54 25.12 -16.38
C ALA A 681 12.74 26.31 -16.93
N LYS A 682 11.65 26.06 -17.65
CA LYS A 682 10.70 27.09 -18.16
C LYS A 682 9.64 27.40 -17.09
N ARG A 683 9.43 28.69 -16.78
CA ARG A 683 8.43 29.13 -15.78
C ARG A 683 7.07 29.28 -16.46
N GLY A 684 5.99 29.14 -15.69
CA GLY A 684 4.63 29.56 -16.03
C GLY A 684 3.94 28.58 -16.96
N GLU A 685 2.71 28.91 -17.37
CA GLU A 685 1.93 28.08 -18.32
C GLU A 685 2.58 28.17 -19.70
N PHE A 686 2.51 27.11 -20.49
CA PHE A 686 3.05 27.15 -21.87
C PHE A 686 2.62 25.93 -22.67
N SER A 687 2.89 26.02 -23.96
CA SER A 687 2.63 25.01 -24.99
C SER A 687 3.86 24.90 -25.90
N ILE A 688 4.24 23.68 -26.29
CA ILE A 688 5.40 23.38 -27.18
C ILE A 688 4.97 22.24 -28.10
N ASP A 689 5.27 22.36 -29.39
CA ASP A 689 4.93 21.37 -30.45
C ASP A 689 6.09 20.38 -30.55
N LEU A 690 5.82 19.08 -30.38
CA LEU A 690 6.85 18.01 -30.27
C LEU A 690 6.77 17.09 -31.49
N ASN A 691 5.90 17.41 -32.45
CA ASN A 691 5.74 16.65 -33.72
C ASN A 691 7.09 16.62 -34.46
N GLY A 692 7.89 17.69 -34.36
CA GLY A 692 9.18 17.86 -35.04
C GLY A 692 10.31 17.07 -34.39
N LYS A 693 10.14 16.63 -33.13
CA LYS A 693 11.23 16.07 -32.28
C LYS A 693 11.27 14.55 -32.40
N GLU A 694 12.43 13.98 -32.09
CA GLU A 694 12.72 12.53 -32.19
C GLU A 694 11.84 11.78 -31.17
N GLU A 695 10.95 10.91 -31.69
CA GLU A 695 9.98 10.05 -30.94
C GLU A 695 10.66 8.82 -30.33
N ASN A 696 11.69 8.29 -30.97
CA ASN A 696 12.28 6.96 -30.66
C ASN A 696 13.24 7.07 -29.48
N PHE A 697 13.17 6.10 -28.56
CA PHE A 697 14.23 5.85 -27.56
C PHE A 697 15.45 5.28 -28.27
N ASP A 698 16.60 5.39 -27.63
CA ASP A 698 17.88 4.82 -28.13
C ASP A 698 17.87 3.28 -28.03
N TRP A 699 17.06 2.69 -27.14
CA TRP A 699 17.10 1.23 -26.86
C TRP A 699 17.23 0.51 -28.18
N ASN A 700 18.21 -0.39 -28.33
CA ASN A 700 18.27 -1.15 -29.59
C ASN A 700 18.71 -2.57 -29.28
N PHE A 701 18.19 -3.44 -30.10
CA PHE A 701 18.36 -4.89 -30.02
C PHE A 701 19.86 -5.23 -29.88
N SER A 702 20.68 -4.65 -30.75
CA SER A 702 22.10 -5.06 -30.86
C SER A 702 22.83 -4.77 -29.55
N THR A 703 22.65 -3.56 -29.00
CA THR A 703 23.32 -3.18 -27.75
C THR A 703 22.86 -4.10 -26.62
N ALA A 704 21.56 -4.32 -26.51
CA ALA A 704 20.96 -5.12 -25.42
C ALA A 704 21.43 -6.57 -25.57
N LEU A 705 21.45 -7.11 -26.78
CA LEU A 705 21.94 -8.50 -27.02
C LEU A 705 23.37 -8.61 -26.51
N PHE A 706 24.24 -7.66 -26.89
CA PHE A 706 25.67 -7.76 -26.52
C PHE A 706 25.78 -7.78 -24.98
N ARG A 707 25.04 -6.90 -24.30
CA ARG A 707 25.10 -6.79 -22.84
C ARG A 707 24.64 -8.11 -22.21
N ARG A 708 23.55 -8.69 -22.68
CA ARG A 708 23.06 -9.95 -22.06
C ARG A 708 24.10 -11.05 -22.27
N LEU A 709 24.62 -11.20 -23.48
CA LEU A 709 25.65 -12.25 -23.76
C LEU A 709 26.89 -11.97 -22.89
N ASP A 710 27.26 -10.71 -22.73
CA ASP A 710 28.53 -10.35 -22.06
C ASP A 710 28.48 -10.72 -20.59
N ILE A 711 27.34 -10.49 -19.91
CA ILE A 711 27.28 -10.75 -18.45
C ILE A 711 27.06 -12.26 -18.24
N ALA A 712 26.53 -12.99 -19.19
CA ALA A 712 26.12 -14.40 -18.96
C ALA A 712 27.32 -15.29 -18.55
N GLU A 713 27.14 -16.15 -17.57
CA GLU A 713 28.16 -17.16 -17.15
C GLU A 713 27.91 -18.42 -17.96
N ILE A 714 28.12 -18.31 -19.26
CA ILE A 714 28.01 -19.41 -20.24
C ILE A 714 29.33 -19.47 -21.02
N SER A 715 29.42 -20.42 -21.93
CA SER A 715 30.65 -20.67 -22.72
C SER A 715 30.84 -19.51 -23.69
N TYR A 716 32.07 -19.07 -23.84
CA TYR A 716 32.38 -18.03 -24.85
C TYR A 716 32.06 -18.49 -26.27
N GLU A 717 32.20 -19.77 -26.57
CA GLU A 717 31.83 -20.26 -27.93
C GLU A 717 30.34 -20.01 -28.18
N GLN A 718 29.47 -20.30 -27.21
CA GLN A 718 28.01 -20.00 -27.32
C GLN A 718 27.80 -18.48 -27.53
N LYS A 719 28.45 -17.63 -26.74
CA LYS A 719 28.31 -16.15 -26.86
C LYS A 719 28.66 -15.74 -28.30
N ASP A 720 29.77 -16.26 -28.81
CA ASP A 720 30.30 -15.90 -30.15
C ASP A 720 29.27 -16.33 -31.20
N GLU A 721 28.79 -17.54 -31.08
CA GLU A 721 27.87 -18.09 -32.11
C GLU A 721 26.57 -17.30 -32.09
N ILE A 722 26.03 -17.00 -30.91
CA ILE A 722 24.73 -16.29 -30.83
C ILE A 722 24.89 -14.88 -31.40
N LEU A 723 25.96 -14.19 -31.04
CA LEU A 723 26.14 -12.80 -31.51
C LEU A 723 26.27 -12.82 -33.03
N GLN A 724 27.07 -13.75 -33.55
CA GLN A 724 27.35 -13.85 -35.01
C GLN A 724 26.06 -14.17 -35.76
N GLN A 725 25.32 -15.17 -35.28
CA GLN A 725 24.15 -15.70 -36.03
C GLN A 725 23.06 -14.66 -35.98
N LEU A 726 22.82 -14.05 -34.83
CA LEU A 726 21.72 -13.07 -34.72
C LEU A 726 22.09 -11.80 -35.51
N SER A 727 23.38 -11.51 -35.68
CA SER A 727 23.82 -10.36 -36.54
C SER A 727 23.63 -10.70 -38.01
N LEU A 728 23.96 -11.94 -38.41
CA LEU A 728 23.97 -12.34 -39.83
C LEU A 728 22.54 -12.61 -40.32
N ILE A 729 21.69 -13.28 -39.52
CA ILE A 729 20.35 -13.72 -39.99
C ILE A 729 19.46 -12.49 -40.04
N GLU A 730 18.90 -12.20 -41.21
CA GLU A 730 18.15 -10.94 -41.43
C GLU A 730 16.68 -11.12 -41.04
N GLU A 731 16.07 -12.24 -41.40
CA GLU A 731 14.61 -12.41 -41.24
C GLU A 731 14.32 -12.71 -39.77
N HIS A 732 13.40 -11.94 -39.21
CA HIS A 732 12.98 -12.04 -37.79
C HIS A 732 12.58 -13.49 -37.45
N GLU A 733 11.80 -14.12 -38.32
CA GLU A 733 11.31 -15.50 -38.07
C GLU A 733 12.48 -16.48 -37.97
N LYS A 734 13.55 -16.25 -38.73
CA LYS A 734 14.72 -17.16 -38.76
C LYS A 734 15.64 -16.86 -37.58
N GLN A 735 15.65 -15.63 -37.08
CA GLN A 735 16.37 -15.29 -35.83
C GLN A 735 15.71 -16.04 -34.68
N VAL A 736 14.38 -16.05 -34.66
CA VAL A 736 13.63 -16.79 -33.62
C VAL A 736 13.92 -18.30 -33.78
N ALA A 737 13.83 -18.83 -34.98
CA ALA A 737 14.19 -20.25 -35.23
C ALA A 737 15.61 -20.57 -34.73
N PHE A 738 16.57 -19.69 -34.91
CA PHE A 738 17.94 -19.92 -34.43
C PHE A 738 17.95 -20.05 -32.90
N ILE A 739 17.30 -19.13 -32.20
CA ILE A 739 17.37 -19.15 -30.71
C ILE A 739 16.57 -20.37 -30.21
N LYS A 740 15.60 -20.85 -30.98
CA LYS A 740 14.76 -22.02 -30.61
C LYS A 740 15.62 -23.29 -30.51
N THR A 741 16.80 -23.32 -31.13
CA THR A 741 17.68 -24.51 -31.15
C THR A 741 18.59 -24.46 -29.91
N ASN A 742 18.58 -23.40 -29.12
CA ASN A 742 19.58 -23.27 -28.02
C ASN A 742 19.29 -24.29 -26.92
N GLU A 743 20.34 -24.96 -26.41
CA GLU A 743 20.18 -26.02 -25.36
C GLU A 743 19.90 -25.37 -23.99
N ASN A 744 20.17 -24.09 -23.85
CA ASN A 744 19.84 -23.37 -22.59
C ASN A 744 18.42 -22.81 -22.71
N GLN A 745 17.46 -23.39 -22.03
CA GLN A 745 16.02 -23.05 -22.18
C GLN A 745 15.74 -21.64 -21.66
N GLU A 746 16.37 -21.23 -20.57
CA GLU A 746 16.15 -19.86 -20.06
C GLU A 746 16.84 -18.84 -20.96
N LEU A 747 18.01 -19.15 -21.51
CA LEU A 747 18.71 -18.26 -22.46
C LEU A 747 17.79 -18.07 -23.67
N GLN A 748 17.11 -19.11 -24.11
CA GLN A 748 16.13 -18.96 -25.24
C GLN A 748 15.13 -17.87 -24.88
N ASN A 749 14.58 -17.92 -23.67
CA ASN A 749 13.46 -17.02 -23.27
C ASN A 749 14.04 -15.61 -23.20
N SER A 750 15.26 -15.45 -22.69
CA SER A 750 15.90 -14.11 -22.61
C SER A 750 16.10 -13.56 -24.02
N LEU A 751 16.68 -14.36 -24.90
CA LEU A 751 16.90 -13.91 -26.30
C LEU A 751 15.55 -13.65 -26.98
N PHE A 752 14.53 -14.43 -26.68
CA PHE A 752 13.18 -14.24 -27.25
C PHE A 752 12.58 -12.89 -26.81
N GLU A 753 12.79 -12.50 -25.56
CA GLU A 753 12.31 -11.17 -25.09
C GLU A 753 12.94 -10.07 -25.97
N LEU A 754 14.25 -10.12 -26.21
CA LEU A 754 14.93 -9.10 -27.06
C LEU A 754 14.39 -9.12 -28.49
N LEU A 755 14.20 -10.31 -29.06
CA LEU A 755 13.67 -10.40 -30.43
C LEU A 755 12.24 -9.89 -30.46
N TYR A 756 11.44 -10.15 -29.42
CA TYR A 756 10.04 -9.69 -29.41
C TYR A 756 10.02 -8.15 -29.39
N SER A 757 10.86 -7.53 -28.55
CA SER A 757 10.96 -6.05 -28.45
C SER A 757 11.51 -5.47 -29.77
N GLY A 758 12.42 -6.18 -30.43
CA GLY A 758 13.05 -5.69 -31.67
C GLY A 758 12.28 -6.06 -32.93
N LYS A 759 11.09 -6.66 -32.84
CA LYS A 759 10.35 -7.19 -34.02
C LYS A 759 9.84 -6.02 -34.87
C1 GLC B . 11.48 -9.76 17.50
C2 GLC B . 10.74 -8.69 16.69
C3 GLC B . 9.48 -8.14 17.41
C4 GLC B . 8.58 -9.36 17.78
C5 GLC B . 9.34 -10.49 18.51
C6 GLC B . 8.54 -11.81 18.71
O1 GLC B . 12.05 -9.24 18.68
O2 GLC B . 11.70 -7.72 16.25
O3 GLC B . 8.82 -7.25 16.49
O4 GLC B . 7.49 -8.96 18.63
O5 GLC B . 10.52 -10.85 17.79
O6 GLC B . 8.11 -12.38 17.44
C1 GLC B . 8.09 -6.12 17.08
C2 GLC B . 7.70 -5.27 15.89
C3 GLC B . 8.95 -4.65 15.25
C4 GLC B . 9.86 -3.91 16.26
C5 GLC B . 10.15 -4.78 17.42
C6 GLC B . 10.80 -3.93 18.52
O2 GLC B . 6.97 -6.14 14.95
O3 GLC B . 8.57 -3.81 14.14
O4 GLC B . 11.02 -3.46 15.62
O5 GLC B . 8.96 -5.40 17.97
O6 GLC B . 9.90 -2.90 18.86
C1 EDO C . -18.63 -7.87 -6.37
O1 EDO C . -19.44 -6.96 -5.77
C2 EDO C . -17.52 -7.23 -7.04
O2 EDO C . -16.80 -8.28 -7.55
C1 EDO D . -15.34 -3.75 12.83
O1 EDO D . -16.43 -4.59 12.48
C2 EDO D . -14.14 -3.93 11.99
O2 EDO D . -14.54 -4.18 10.66
C1 EDO E . -32.87 -22.02 -0.62
O1 EDO E . -34.25 -22.24 -0.38
C2 EDO E . -32.49 -22.46 -1.97
O2 EDO E . -33.41 -23.41 -2.46
C1 EDO F . 8.91 -20.72 -19.14
O1 EDO F . 8.45 -19.44 -19.54
C2 EDO F . 8.90 -21.67 -20.30
O2 EDO F . 10.04 -21.58 -21.16
C1 EDO G . -2.25 -13.87 23.39
O1 EDO G . -1.65 -12.96 22.49
C2 EDO G . -3.30 -13.24 24.20
O2 EDO G . -4.56 -13.15 23.56
C1 EDO H . -21.68 -10.83 -17.46
O1 EDO H . -22.80 -11.65 -17.16
C2 EDO H . -21.48 -10.60 -18.92
O2 EDO H . -21.11 -11.79 -19.58
C1 EDO I . 14.61 5.91 -21.59
O1 EDO I . 15.10 7.22 -21.35
C2 EDO I . 13.23 5.69 -21.02
O2 EDO I . 13.08 6.29 -19.76
C1 EDO J . 18.61 3.09 -24.53
O1 EDO J . 19.93 3.01 -24.14
C2 EDO J . 17.90 4.26 -23.95
O2 EDO J . 16.59 4.34 -24.49
C1 EDO K . -16.89 7.30 -2.56
O1 EDO K . -16.96 7.98 -1.30
C2 EDO K . -15.66 7.52 -3.40
O2 EDO K . -14.97 8.75 -3.25
C1 EDO L . 16.47 -7.15 -34.90
O1 EDO L . 17.39 -7.85 -35.72
C2 EDO L . 15.54 -8.13 -34.25
O2 EDO L . 14.75 -8.89 -35.16
#